data_5O3N
#
_entry.id   5O3N
#
_cell.length_a   208.310
_cell.length_b   208.310
_cell.length_c   157.910
_cell.angle_alpha   90.00
_cell.angle_beta   90.00
_cell.angle_gamma   120.00
#
_symmetry.space_group_name_H-M   'H 3 2'
#
loop_
_entity.id
_entity.type
_entity.pdbx_description
1 polymer '3,4-dihydroxybenzoate decarboxylase'
2 non-polymer 'MANGANESE (II) ION'
3 non-polymer 'SODIUM ION'
4 non-polymer GLYCEROL
5 non-polymer '1-deoxy-5-O-phosphono-1-(3,3,4,5-tetramethyl-9,11-dioxo-2,3,8,9,10,11-hexahydro-7H-quinolino[1,8-fg]pteridin-12-ium-7-y l)-D-ribitol'
6 water water
#
_entity_poly.entity_id   1
_entity_poly.type   'polypeptide(L)'
_entity_poly.pdbx_seq_one_letter_code
;MGSSHHHHHHSSGLVPRGSHMQNPINDLRSAIALLQRHPGHYIETDHPVDPNAELAGVYRHIGAGGTVKRPTRTGPAMMF
NSVKGYPGSRILVGMHASRERAALLLGCVPSKLAQHVGQAVKNPVAPVVVPASQAPCQEQVFYADDPDFDLRKLLPAPTN
TPIDAGPFFCLGLVLASDPEDTSLTDVTIHRLCVQERDELSMFLAAGRHIEVFRKKAEAAGKPLPVTINMGLDPAIYIGA
CFEAPTTPFGYNELGVAGALRQQPVELVQGVAVKEKAIARAEIIIEGELLPGVRVREDQHTNTGHAMPEFPGYCGEANPS
LPVIKVKAVTMRNHAILQTLVGPGEEHTTLAGLPTEASIRNAVEEAIPGFLQNVYAHTAGGGKFLGILQVKKRQPSDEGR
QGQAALIALATYSELKNIILVDEDVDIFDSDDILWAMTTRMQGDVSITTLPGIRGHQLDPSQSPDYSTSIRGNGISCKTI
FDCTVPWALKARFERAPFMEVDPTPWAPELFSDKK
;
_entity_poly.pdbx_strand_id   A,B
#
loop_
_chem_comp.id
_chem_comp.type
_chem_comp.name
_chem_comp.formula
4LU non-polymer '1-deoxy-5-O-phosphono-1-(3,3,4,5-tetramethyl-9,11-dioxo-2,3,8,9,10,11-hexahydro-7H-quinolino[1,8-fg]pteridin-12-ium-7-y l)-D-ribitol' 'C22 H30 N4 O9 P 1'
GOL non-polymer GLYCEROL 'C3 H8 O3'
MN non-polymer 'MANGANESE (II) ION' 'Mn 2'
NA non-polymer 'SODIUM ION' 'Na 1'
#
# COMPACT_ATOMS: atom_id res chain seq x y z
N PRO A 24 -5.95 2.20 32.90
CA PRO A 24 -5.83 3.67 32.87
C PRO A 24 -4.39 4.13 32.67
N ILE A 25 -4.12 4.68 31.49
CA ILE A 25 -2.78 5.13 31.14
C ILE A 25 -2.62 6.59 31.56
N ASN A 26 -1.55 6.88 32.30
CA ASN A 26 -1.18 8.26 32.61
C ASN A 26 0.32 8.51 32.48
N ASP A 27 1.08 7.55 31.97
CA ASP A 27 2.51 7.72 31.74
C ASP A 27 2.98 6.62 30.78
N LEU A 28 4.29 6.59 30.52
CA LEU A 28 4.83 5.66 29.53
C LEU A 28 4.70 4.21 29.99
N ARG A 29 4.93 3.95 31.28
CA ARG A 29 4.96 2.55 31.74
C ARG A 29 3.57 1.96 31.85
N SER A 30 2.55 2.76 32.18
CA SER A 30 1.19 2.25 32.06
C SER A 30 0.83 2.00 30.60
N ALA A 31 1.44 2.74 29.67
CA ALA A 31 1.21 2.49 28.25
C ALA A 31 1.88 1.19 27.81
N ILE A 32 3.10 0.95 28.29
CA ILE A 32 3.79 -0.30 27.98
C ILE A 32 3.02 -1.50 28.51
N ALA A 33 2.50 -1.39 29.74
CA ALA A 33 1.70 -2.46 30.31
C ALA A 33 0.54 -2.83 29.41
N LEU A 34 -0.08 -1.83 28.77
CA LEU A 34 -1.18 -2.11 27.85
C LEU A 34 -0.68 -2.86 26.62
N LEU A 35 0.46 -2.46 26.07
CA LEU A 35 0.97 -3.12 24.87
C LEU A 35 1.31 -4.58 25.12
N GLN A 36 1.75 -4.92 26.33
CA GLN A 36 2.09 -6.30 26.64
C GLN A 36 0.86 -7.20 26.71
N ARG A 37 -0.32 -6.63 26.90
CA ARG A 37 -1.57 -7.38 26.81
C ARG A 37 -2.05 -7.55 25.38
N HIS A 38 -1.35 -6.97 24.40
CA HIS A 38 -1.66 -7.15 22.98
C HIS A 38 -0.38 -7.61 22.30
N PRO A 39 -0.12 -8.92 22.26
CA PRO A 39 1.18 -9.42 21.78
C PRO A 39 1.42 -9.04 20.33
N GLY A 40 2.70 -8.84 20.01
CA GLY A 40 3.12 -8.31 18.74
C GLY A 40 3.45 -6.82 18.77
N HIS A 41 3.10 -6.13 19.85
CA HIS A 41 3.23 -4.68 19.92
C HIS A 41 4.39 -4.20 20.80
N TYR A 42 5.00 -5.09 21.59
CA TYR A 42 6.10 -4.70 22.46
C TYR A 42 7.02 -5.88 22.64
N ILE A 43 8.32 -5.68 22.39
CA ILE A 43 9.34 -6.69 22.65
C ILE A 43 10.52 -6.00 23.34
N GLU A 44 11.31 -6.81 24.03
CA GLU A 44 12.55 -6.37 24.64
C GLU A 44 13.70 -7.19 24.09
N THR A 45 14.92 -6.71 24.31
CA THR A 45 16.11 -7.49 24.00
C THR A 45 17.20 -7.13 25.00
N ASP A 46 17.99 -8.13 25.37
CA ASP A 46 19.14 -7.93 26.24
C ASP A 46 20.46 -8.02 25.49
N HIS A 47 20.43 -8.25 24.19
CA HIS A 47 21.66 -8.25 23.41
C HIS A 47 22.22 -6.84 23.31
N PRO A 48 23.47 -6.61 23.72
CA PRO A 48 24.01 -5.25 23.72
C PRO A 48 23.90 -4.58 22.36
N VAL A 49 23.64 -3.28 22.38
CA VAL A 49 23.49 -2.48 21.18
C VAL A 49 24.22 -1.16 21.37
N ASP A 50 24.83 -0.65 20.31
CA ASP A 50 25.48 0.64 20.34
C ASP A 50 24.46 1.73 20.05
N PRO A 51 24.22 2.67 20.96
CA PRO A 51 23.29 3.76 20.64
C PRO A 51 23.73 4.61 19.46
N ASN A 52 25.03 4.62 19.15
CA ASN A 52 25.53 5.33 17.98
C ASN A 52 25.29 4.48 16.74
N ALA A 53 24.28 4.86 15.96
CA ALA A 53 23.97 4.31 14.64
C ALA A 53 23.46 2.86 14.65
N GLU A 54 24.02 2.00 15.51
CA GLU A 54 23.68 0.58 15.45
C GLU A 54 22.23 0.35 15.86
N LEU A 55 21.80 0.99 16.95
CA LEU A 55 20.42 0.82 17.43
C LEU A 55 19.42 1.17 16.33
N ALA A 56 19.56 2.35 15.72
CA ALA A 56 18.66 2.74 14.64
C ALA A 56 18.75 1.78 13.47
N GLY A 57 19.94 1.23 13.20
CA GLY A 57 20.08 0.26 12.13
C GLY A 57 19.28 -0.99 12.38
N VAL A 58 19.23 -1.46 13.63
CA VAL A 58 18.46 -2.65 13.96
C VAL A 58 16.97 -2.38 13.78
N TYR A 59 16.47 -1.30 14.37
CA TYR A 59 15.04 -1.02 14.34
C TYR A 59 14.57 -0.62 12.95
N ARG A 60 15.49 -0.23 12.06
CA ARG A 60 15.13 0.00 10.67
C ARG A 60 14.49 -1.25 10.06
N HIS A 61 15.02 -2.42 10.40
CA HIS A 61 14.50 -3.68 9.87
C HIS A 61 13.27 -4.17 10.62
N ILE A 62 12.98 -3.64 11.79
CA ILE A 62 12.02 -4.22 12.71
C ILE A 62 10.76 -3.38 12.85
N GLY A 63 10.88 -2.06 12.95
CA GLY A 63 9.70 -1.25 13.18
C GLY A 63 9.70 0.20 12.73
N ALA A 64 10.77 0.65 12.06
CA ALA A 64 10.86 2.05 11.69
C ALA A 64 9.70 2.47 10.77
N GLY A 65 9.53 1.76 9.66
CA GLY A 65 8.43 2.02 8.75
C GLY A 65 8.48 3.42 8.14
N GLY A 66 7.31 3.86 7.65
CA GLY A 66 7.22 5.20 7.12
C GLY A 66 8.05 5.38 5.86
N THR A 67 8.63 6.58 5.73
CA THR A 67 9.44 6.92 4.56
C THR A 67 10.85 6.36 4.61
N VAL A 68 11.15 5.50 5.59
CA VAL A 68 12.49 4.95 5.74
C VAL A 68 12.87 4.12 4.52
N LYS A 69 14.13 4.26 4.09
CA LYS A 69 14.72 3.47 3.03
C LYS A 69 14.45 1.98 3.20
N ARG A 70 13.93 1.35 2.16
CA ARG A 70 13.63 -0.07 2.21
C ARG A 70 14.93 -0.87 2.29
N PRO A 71 14.90 -2.06 2.91
CA PRO A 71 13.72 -2.71 3.50
C PRO A 71 13.37 -2.17 4.89
N THR A 72 12.07 -2.05 5.16
CA THR A 72 11.59 -1.63 6.46
C THR A 72 10.14 -2.10 6.61
N ARG A 73 9.63 -1.97 7.82
CA ARG A 73 8.27 -2.40 8.13
C ARG A 73 7.86 -1.75 9.44
N THR A 74 6.57 -1.83 9.73
CA THR A 74 6.09 -1.54 11.07
C THR A 74 6.06 -2.84 11.86
N GLY A 75 6.32 -2.72 13.16
CA GLY A 75 6.34 -3.87 14.03
C GLY A 75 6.08 -3.48 15.47
N PRO A 76 6.74 -4.18 16.40
CA PRO A 76 6.57 -3.84 17.81
C PRO A 76 7.40 -2.63 18.21
N ALA A 77 6.90 -1.90 19.20
CA ALA A 77 7.77 -1.04 19.96
C ALA A 77 8.83 -1.89 20.65
N MET A 78 10.06 -1.40 20.69
CA MET A 78 11.20 -2.23 21.04
C MET A 78 12.03 -1.54 22.12
N MET A 79 12.37 -2.32 23.16
CA MET A 79 13.15 -1.84 24.29
C MET A 79 14.51 -2.52 24.28
N PHE A 80 15.58 -1.73 24.21
CA PHE A 80 16.95 -2.23 24.25
C PHE A 80 17.45 -2.12 25.69
N ASN A 81 17.53 -3.26 26.38
CA ASN A 81 17.89 -3.23 27.79
C ASN A 81 19.39 -3.09 28.04
N SER A 82 20.22 -3.49 27.08
CA SER A 82 21.67 -3.44 27.22
C SER A 82 22.22 -2.43 26.23
N VAL A 83 22.65 -1.28 26.73
CA VAL A 83 23.14 -0.18 25.92
C VAL A 83 24.65 -0.08 26.15
N LYS A 84 25.44 -0.34 25.10
CA LYS A 84 26.89 -0.31 25.22
C LYS A 84 27.36 1.08 25.65
N GLY A 85 28.10 1.13 26.76
CA GLY A 85 28.61 2.36 27.31
C GLY A 85 27.74 3.01 28.36
N TYR A 86 26.51 2.53 28.54
CA TYR A 86 25.58 3.08 29.52
C TYR A 86 24.93 1.94 30.30
N PRO A 87 25.67 1.33 31.24
CA PRO A 87 25.07 0.27 32.06
C PRO A 87 23.91 0.80 32.89
N GLY A 88 22.89 -0.03 33.06
CA GLY A 88 21.67 0.38 33.73
C GLY A 88 20.71 1.17 32.88
N SER A 89 21.15 1.71 31.75
CA SER A 89 20.24 2.45 30.87
C SER A 89 19.46 1.50 29.98
N ARG A 90 18.28 1.95 29.56
CA ARG A 90 17.47 1.21 28.60
C ARG A 90 16.75 2.21 27.71
N ILE A 91 16.70 1.90 26.41
CA ILE A 91 16.20 2.80 25.38
C ILE A 91 14.98 2.17 24.73
N LEU A 92 13.90 2.93 24.62
CA LEU A 92 12.70 2.47 23.92
C LEU A 92 12.49 3.32 22.68
N VAL A 93 12.20 2.64 21.56
CA VAL A 93 11.90 3.29 20.30
C VAL A 93 10.66 2.64 19.70
N GLY A 94 9.96 3.39 18.85
CA GLY A 94 8.84 2.85 18.12
C GLY A 94 7.53 2.80 18.86
N MET A 95 7.42 3.46 20.01
CA MET A 95 6.16 3.45 20.76
C MET A 95 4.99 3.93 19.92
N HIS A 96 5.18 4.96 19.11
CA HIS A 96 4.12 5.48 18.26
C HIS A 96 4.24 5.03 16.81
N ALA A 97 5.09 4.05 16.50
CA ALA A 97 5.41 3.71 15.11
C ALA A 97 4.39 2.78 14.46
N SER A 98 3.10 2.90 14.80
CA SER A 98 2.07 2.06 14.23
C SER A 98 0.72 2.70 14.49
N ARG A 99 -0.07 2.89 13.44
CA ARG A 99 -1.39 3.48 13.63
C ARG A 99 -2.25 2.61 14.52
N GLU A 100 -2.14 1.28 14.37
CA GLU A 100 -2.90 0.37 15.23
C GLU A 100 -2.44 0.46 16.67
N ARG A 101 -1.12 0.56 16.89
CA ARG A 101 -0.63 0.73 18.24
C ARG A 101 -1.13 2.04 18.85
N ALA A 102 -1.17 3.11 18.05
CA ALA A 102 -1.60 4.41 18.54
C ALA A 102 -3.06 4.37 18.98
N ALA A 103 -3.92 3.72 18.18
CA ALA A 103 -5.34 3.65 18.51
C ALA A 103 -5.56 2.87 19.80
N LEU A 104 -4.79 1.81 20.01
CA LEU A 104 -4.86 1.07 21.27
C LEU A 104 -4.50 1.95 22.45
N LEU A 105 -3.41 2.70 22.33
CA LEU A 105 -2.95 3.53 23.44
C LEU A 105 -3.92 4.69 23.71
N LEU A 106 -4.67 5.11 22.69
CA LEU A 106 -5.69 6.14 22.87
C LEU A 106 -7.06 5.56 23.18
N GLY A 107 -7.27 4.26 22.96
CA GLY A 107 -8.52 3.64 23.35
C GLY A 107 -9.66 3.79 22.37
N CYS A 108 -9.38 3.84 21.07
CA CYS A 108 -10.41 3.84 20.05
C CYS A 108 -9.93 3.01 18.86
N VAL A 109 -10.78 2.91 17.83
CA VAL A 109 -10.48 2.13 16.64
C VAL A 109 -9.64 3.01 15.71
N PRO A 110 -8.65 2.45 14.99
CA PRO A 110 -7.76 3.30 14.17
C PRO A 110 -8.49 4.12 13.12
N SER A 111 -9.61 3.62 12.59
CA SER A 111 -10.32 4.35 11.55
C SER A 111 -11.00 5.61 12.09
N LYS A 112 -11.19 5.72 13.41
CA LYS A 112 -11.89 6.84 13.99
C LYS A 112 -10.96 7.78 14.77
N LEU A 113 -9.65 7.71 14.50
CA LEU A 113 -8.69 8.56 15.20
C LEU A 113 -8.93 10.04 14.90
N ALA A 114 -9.22 10.37 13.64
CA ALA A 114 -9.45 11.77 13.26
C ALA A 114 -10.59 12.38 14.06
N GLN A 115 -11.70 11.65 14.19
CA GLN A 115 -12.83 12.13 14.98
C GLN A 115 -12.48 12.21 16.46
N HIS A 116 -11.79 11.18 16.97
CA HIS A 116 -11.49 11.10 18.39
C HIS A 116 -10.49 12.17 18.81
N VAL A 117 -9.40 12.33 18.05
CA VAL A 117 -8.45 13.38 18.35
C VAL A 117 -9.05 14.75 18.04
N GLY A 118 -9.93 14.83 17.04
CA GLY A 118 -10.55 16.10 16.70
C GLY A 118 -11.38 16.66 17.83
N GLN A 119 -12.17 15.80 18.48
CA GLN A 119 -13.00 16.27 19.59
C GLN A 119 -12.15 16.67 20.79
N ALA A 120 -11.01 16.00 20.99
CA ALA A 120 -10.16 16.32 22.14
C ALA A 120 -9.56 17.71 22.02
N VAL A 121 -9.09 18.07 20.82
CA VAL A 121 -8.48 19.39 20.64
C VAL A 121 -9.51 20.50 20.76
N LYS A 122 -10.78 20.21 20.50
CA LYS A 122 -11.84 21.19 20.67
C LYS A 122 -12.29 21.34 22.11
N ASN A 123 -11.99 20.38 22.98
CA ASN A 123 -12.42 20.41 24.38
C ASN A 123 -11.25 20.11 25.31
N PRO A 124 -10.24 20.97 25.35
CA PRO A 124 -9.05 20.66 26.17
C PRO A 124 -9.31 20.69 27.66
N VAL A 125 -8.49 19.93 28.39
CA VAL A 125 -8.52 19.89 29.85
C VAL A 125 -7.18 20.39 30.36
N ALA A 126 -7.20 21.51 31.07
CA ALA A 126 -5.96 22.19 31.41
C ALA A 126 -5.15 21.37 32.42
N PRO A 127 -3.82 21.42 32.33
CA PRO A 127 -2.99 20.67 33.29
C PRO A 127 -3.05 21.31 34.67
N VAL A 128 -2.59 20.55 35.67
CA VAL A 128 -2.53 21.01 37.05
C VAL A 128 -1.14 20.78 37.60
N VAL A 129 -0.79 21.58 38.63
CA VAL A 129 0.48 21.46 39.34
C VAL A 129 0.30 20.54 40.53
N VAL A 130 1.27 19.66 40.74
CA VAL A 130 1.25 18.76 41.89
C VAL A 130 2.58 18.87 42.61
N PRO A 131 2.64 18.53 43.89
CA PRO A 131 3.90 18.57 44.61
C PRO A 131 4.83 17.45 44.17
N ALA A 132 6.10 17.58 44.57
CA ALA A 132 7.13 16.64 44.13
C ALA A 132 6.83 15.22 44.56
N SER A 133 6.09 15.04 45.66
CA SER A 133 5.78 13.70 46.16
C SER A 133 4.99 12.87 45.14
N GLN A 134 4.29 13.52 44.22
CA GLN A 134 3.56 12.83 43.16
C GLN A 134 4.19 13.04 41.80
N ALA A 135 5.51 13.19 41.76
CA ALA A 135 6.26 13.38 40.51
C ALA A 135 7.36 12.32 40.46
N PRO A 136 7.06 11.15 39.92
CA PRO A 136 8.10 10.12 39.79
C PRO A 136 9.29 10.56 38.97
N CYS A 137 9.10 11.54 38.08
CA CYS A 137 10.21 12.04 37.29
C CYS A 137 11.35 12.56 38.16
N GLN A 138 11.07 12.94 39.42
CA GLN A 138 12.06 13.51 40.31
C GLN A 138 12.56 12.52 41.36
N GLU A 139 12.48 11.20 41.10
CA GLU A 139 13.04 10.23 42.04
C GLU A 139 14.56 10.33 42.14
N GLN A 140 15.22 10.71 41.05
CA GLN A 140 16.65 11.00 41.05
C GLN A 140 16.86 12.43 40.58
N VAL A 141 17.80 13.13 41.20
CA VAL A 141 18.16 14.49 40.80
C VAL A 141 19.66 14.56 40.62
N PHE A 142 20.09 14.97 39.43
CA PHE A 142 21.51 15.17 39.12
C PHE A 142 21.70 16.63 38.75
N TYR A 143 22.45 17.35 39.58
CA TYR A 143 22.75 18.76 39.32
C TYR A 143 23.95 18.86 38.39
N ALA A 144 23.86 19.80 37.45
CA ALA A 144 24.94 19.98 36.47
C ALA A 144 26.17 20.66 37.05
N ASP A 145 26.04 21.35 38.19
CA ASP A 145 27.20 22.00 38.80
C ASP A 145 28.07 21.05 39.59
N ASP A 146 27.76 19.76 39.59
CA ASP A 146 28.72 18.78 40.08
C ASP A 146 29.86 18.67 39.08
N PRO A 147 31.11 18.68 39.54
CA PRO A 147 32.24 18.59 38.58
C PRO A 147 32.22 17.32 37.75
N ASP A 148 31.64 16.23 38.27
CA ASP A 148 31.62 14.96 37.58
C ASP A 148 30.38 14.77 36.72
N PHE A 149 29.48 15.74 36.68
CA PHE A 149 28.29 15.62 35.84
C PHE A 149 28.69 15.71 34.38
N ASP A 150 28.12 14.82 33.55
CA ASP A 150 28.37 14.84 32.12
C ASP A 150 27.12 14.30 31.43
N LEU A 151 26.40 15.18 30.73
CA LEU A 151 25.20 14.76 30.02
C LEU A 151 25.49 13.62 29.05
N ARG A 152 26.65 13.65 28.40
CA ARG A 152 26.98 12.63 27.43
C ARG A 152 27.32 11.28 28.06
N LYS A 153 27.67 11.25 29.34
CA LYS A 153 27.86 9.99 30.06
C LYS A 153 26.61 9.52 30.79
N LEU A 154 25.70 10.44 31.12
CA LEU A 154 24.55 10.14 31.98
C LEU A 154 23.39 9.51 31.21
N LEU A 155 23.13 9.97 29.98
CA LEU A 155 22.02 9.47 29.19
C LEU A 155 22.51 9.09 27.80
N PRO A 156 22.15 7.92 27.29
CA PRO A 156 22.44 7.61 25.88
C PRO A 156 21.56 8.45 24.95
N ALA A 157 22.21 9.17 24.05
CA ALA A 157 21.49 9.96 23.04
C ALA A 157 21.75 9.32 21.68
N PRO A 158 20.87 8.45 21.19
CA PRO A 158 21.17 7.69 19.98
C PRO A 158 21.16 8.57 18.74
N THR A 159 21.99 8.18 17.78
CA THR A 159 22.00 8.78 16.45
C THR A 159 21.23 7.89 15.47
N ASN A 160 20.75 8.49 14.39
CA ASN A 160 20.00 7.73 13.40
C ASN A 160 20.91 7.19 12.29
N THR A 161 21.73 8.05 11.70
CA THR A 161 22.67 7.66 10.65
C THR A 161 24.10 7.80 11.14
N PRO A 162 25.04 7.12 10.49
CA PRO A 162 26.47 7.36 10.78
C PRO A 162 26.93 8.78 10.48
N ILE A 163 26.12 9.58 9.79
CA ILE A 163 26.54 10.92 9.36
C ILE A 163 25.73 11.99 10.08
N ASP A 164 25.18 11.66 11.25
CA ASP A 164 24.44 12.63 12.03
C ASP A 164 25.37 13.68 12.63
N ALA A 165 24.78 14.85 12.93
CA ALA A 165 25.56 15.95 13.51
C ALA A 165 26.19 15.56 14.84
N GLY A 166 25.52 14.68 15.58
CA GLY A 166 25.99 14.25 16.88
C GLY A 166 24.91 13.44 17.58
N PRO A 167 25.12 13.14 18.86
CA PRO A 167 24.09 12.42 19.62
C PRO A 167 22.82 13.25 19.70
N PHE A 168 21.68 12.59 19.50
CA PHE A 168 20.39 13.28 19.41
C PHE A 168 19.40 12.73 20.40
N PHE A 169 18.53 13.62 20.88
CA PHE A 169 17.28 13.28 21.55
C PHE A 169 16.15 13.66 20.61
N CYS A 170 15.38 12.67 20.16
CA CYS A 170 14.39 12.89 19.12
C CYS A 170 12.96 12.92 19.63
N LEU A 171 12.73 12.61 20.90
CA LEU A 171 11.40 12.76 21.49
C LEU A 171 11.47 13.70 22.68
N GLY A 172 12.22 14.78 22.52
CA GLY A 172 12.34 15.80 23.54
C GLY A 172 11.21 16.79 23.46
N LEU A 173 10.20 16.62 24.31
CA LEU A 173 9.07 17.52 24.35
C LEU A 173 9.46 18.73 25.20
N VAL A 174 9.69 19.86 24.55
CA VAL A 174 10.17 21.06 25.23
C VAL A 174 8.98 21.85 25.75
N LEU A 175 9.05 22.27 27.02
CA LEU A 175 8.02 23.07 27.66
C LEU A 175 8.61 24.43 28.01
N ALA A 176 7.93 25.49 27.61
CA ALA A 176 8.41 26.84 27.85
C ALA A 176 7.23 27.79 27.99
N SER A 177 7.49 28.93 28.60
CA SER A 177 6.45 29.92 28.84
C SER A 177 6.91 31.29 28.36
N ASP A 178 5.94 32.18 28.19
CA ASP A 178 6.24 33.54 27.77
C ASP A 178 6.88 34.31 28.92
N PRO A 179 7.99 35.02 28.69
CA PRO A 179 8.62 35.77 29.78
C PRO A 179 7.81 36.96 30.24
N GLU A 180 6.85 37.44 29.44
CA GLU A 180 5.97 38.52 29.88
C GLU A 180 4.73 38.02 30.62
N ASP A 181 4.33 36.77 30.37
CA ASP A 181 3.11 36.20 30.95
C ASP A 181 3.37 34.70 31.14
N THR A 182 3.62 34.29 32.39
CA THR A 182 3.96 32.90 32.67
C THR A 182 2.74 31.98 32.64
N SER A 183 1.53 32.54 32.48
CA SER A 183 0.35 31.70 32.27
C SER A 183 0.28 31.16 30.85
N LEU A 184 1.03 31.74 29.90
CA LEU A 184 1.01 31.29 28.51
C LEU A 184 2.15 30.29 28.32
N THR A 185 1.81 29.01 28.33
CA THR A 185 2.77 27.93 28.18
C THR A 185 2.56 27.21 26.85
N ASP A 186 3.66 26.88 26.18
CA ASP A 186 3.59 26.08 24.97
C ASP A 186 4.51 24.88 25.10
N VAL A 187 4.17 23.81 24.38
CA VAL A 187 4.89 22.54 24.47
C VAL A 187 5.08 21.99 23.06
N THR A 188 6.31 21.63 22.71
CA THR A 188 6.65 21.27 21.35
C THR A 188 7.82 20.30 21.33
N ILE A 189 7.79 19.37 20.38
CA ILE A 189 8.93 18.50 20.11
C ILE A 189 9.91 19.23 19.21
N HIS A 190 11.17 19.32 19.66
CA HIS A 190 12.27 19.87 18.87
C HIS A 190 13.45 18.91 18.95
N ARG A 191 14.22 18.83 17.87
CA ARG A 191 15.40 17.97 17.88
C ARG A 191 16.52 18.66 18.67
N LEU A 192 17.19 17.88 19.53
CA LEU A 192 18.21 18.40 20.43
C LEU A 192 19.46 17.56 20.26
N CYS A 193 20.58 18.23 19.95
CA CYS A 193 21.86 17.56 19.77
C CYS A 193 22.74 17.82 20.99
N VAL A 194 23.28 16.75 21.57
CA VAL A 194 24.17 16.88 22.73
C VAL A 194 25.50 17.44 22.25
N GLN A 195 25.84 18.65 22.70
CA GLN A 195 27.04 19.34 22.26
C GLN A 195 28.17 19.33 23.27
N GLU A 196 27.87 19.39 24.57
CA GLU A 196 28.88 19.45 25.61
C GLU A 196 28.43 18.60 26.80
N ARG A 197 29.24 18.62 27.86
CA ARG A 197 28.85 17.95 29.09
C ARG A 197 27.57 18.54 29.67
N ASP A 198 27.25 19.78 29.30
CA ASP A 198 26.06 20.44 29.85
C ASP A 198 25.40 21.37 28.84
N GLU A 199 25.47 21.06 27.54
CA GLU A 199 24.87 21.92 26.52
C GLU A 199 24.23 21.06 25.44
N LEU A 200 23.06 21.48 25.01
CA LEU A 200 22.37 20.93 23.85
C LEU A 200 22.08 22.05 22.88
N SER A 201 22.21 21.77 21.59
CA SER A 201 21.72 22.67 20.55
C SER A 201 20.26 22.34 20.26
N MET A 202 19.46 23.37 19.99
CA MET A 202 18.04 23.24 19.74
C MET A 202 17.70 23.93 18.43
N PHE A 203 17.03 23.22 17.53
CA PHE A 203 16.55 23.82 16.30
C PHE A 203 15.10 24.25 16.47
N LEU A 204 14.83 25.52 16.20
CA LEU A 204 13.47 26.06 16.22
C LEU A 204 13.18 26.64 14.86
N ALA A 205 12.24 26.05 14.14
CA ALA A 205 11.84 26.61 12.86
C ALA A 205 11.24 27.99 13.05
N ALA A 206 11.27 28.80 12.00
CA ALA A 206 10.68 30.13 12.06
C ALA A 206 9.18 30.01 12.31
N GLY A 207 8.65 30.91 13.12
CA GLY A 207 7.25 30.91 13.44
C GLY A 207 6.83 29.95 14.55
N ARG A 208 7.74 29.11 15.05
CA ARG A 208 7.39 28.22 16.15
C ARG A 208 6.99 29.03 17.38
N HIS A 209 6.09 28.45 18.18
CA HIS A 209 5.53 29.20 19.30
C HIS A 209 6.56 29.39 20.41
N ILE A 210 7.36 28.37 20.72
CA ILE A 210 8.40 28.53 21.71
C ILE A 210 9.47 29.49 21.21
N GLU A 211 9.70 29.54 19.90
CA GLU A 211 10.64 30.51 19.35
C GLU A 211 10.19 31.94 19.66
N VAL A 212 8.88 32.19 19.66
CA VAL A 212 8.37 33.50 20.06
C VAL A 212 8.84 33.82 21.48
N PHE A 213 8.71 32.86 22.39
CA PHE A 213 9.20 33.06 23.76
C PHE A 213 10.70 33.28 23.77
N ARG A 214 11.44 32.53 22.95
CA ARG A 214 12.90 32.62 22.98
C ARG A 214 13.39 33.96 22.45
N LYS A 215 12.85 34.42 21.31
CA LYS A 215 13.26 35.70 20.76
C LYS A 215 13.00 36.83 21.76
N LYS A 216 11.90 36.72 22.51
CA LYS A 216 11.57 37.74 23.50
C LYS A 216 12.61 37.77 24.62
N ALA A 217 12.98 36.60 25.14
CA ALA A 217 13.97 36.56 26.22
C ALA A 217 15.34 37.04 25.73
N GLU A 218 15.74 36.62 24.53
CA GLU A 218 17.03 37.03 23.99
C GLU A 218 17.05 38.53 23.70
N ALA A 219 15.94 39.09 23.24
CA ALA A 219 15.85 40.53 23.02
C ALA A 219 16.08 41.29 24.33
N ALA A 220 15.75 40.69 25.47
CA ALA A 220 16.01 41.30 26.76
C ALA A 220 17.37 40.93 27.33
N GLY A 221 18.20 40.20 26.58
CA GLY A 221 19.47 39.75 27.10
C GLY A 221 19.36 38.75 28.22
N LYS A 222 18.27 37.99 28.27
CA LYS A 222 18.00 37.07 29.37
C LYS A 222 17.80 35.66 28.83
N PRO A 223 18.17 34.65 29.61
CA PRO A 223 17.90 33.27 29.18
C PRO A 223 16.43 32.93 29.29
N LEU A 224 16.04 31.86 28.61
CA LEU A 224 14.69 31.35 28.69
C LEU A 224 14.68 29.99 29.36
N PRO A 225 14.09 29.85 30.54
CA PRO A 225 14.05 28.53 31.20
C PRO A 225 13.17 27.57 30.42
N VAL A 226 13.68 26.35 30.24
CA VAL A 226 12.96 25.29 29.54
C VAL A 226 13.14 23.98 30.30
N THR A 227 12.15 23.10 30.17
CA THR A 227 12.28 21.71 30.56
C THR A 227 12.13 20.83 29.32
N ILE A 228 12.93 19.77 29.25
CA ILE A 228 12.85 18.80 28.16
C ILE A 228 12.32 17.52 28.77
N ASN A 229 11.12 17.12 28.35
CA ASN A 229 10.39 16.02 28.95
C ASN A 229 10.36 14.84 28.00
N MET A 230 10.93 13.72 28.44
CA MET A 230 11.17 12.56 27.58
C MET A 230 10.69 11.30 28.28
N GLY A 231 9.91 10.49 27.56
CA GLY A 231 9.30 9.31 28.14
C GLY A 231 7.96 9.63 28.74
N LEU A 232 6.94 9.74 27.91
CA LEU A 232 5.65 10.30 28.30
C LEU A 232 4.51 9.40 27.85
N ASP A 233 3.35 9.63 28.44
CA ASP A 233 2.10 9.11 27.92
C ASP A 233 2.01 9.43 26.43
N PRO A 234 1.79 8.43 25.57
CA PRO A 234 1.65 8.71 24.13
C PRO A 234 0.64 9.79 23.82
N ALA A 235 -0.40 9.93 24.64
CA ALA A 235 -1.37 11.00 24.45
C ALA A 235 -0.73 12.38 24.50
N ILE A 236 0.35 12.53 25.28
CA ILE A 236 0.97 13.83 25.41
C ILE A 236 1.78 14.18 24.16
N TYR A 237 2.60 13.24 23.69
CA TYR A 237 3.37 13.47 22.46
C TYR A 237 2.45 13.76 21.28
N ILE A 238 1.43 12.92 21.10
CA ILE A 238 0.49 13.11 19.98
C ILE A 238 -0.21 14.45 20.10
N GLY A 239 -0.78 14.73 21.28
CA GLY A 239 -1.52 15.97 21.48
C GLY A 239 -0.70 17.22 21.31
N ALA A 240 0.62 17.12 21.45
CA ALA A 240 1.48 18.30 21.35
C ALA A 240 1.68 18.78 19.92
N CYS A 241 1.55 17.88 18.93
CA CYS A 241 1.99 18.17 17.57
C CYS A 241 0.94 18.89 16.74
N PHE A 242 0.08 19.69 17.37
CA PHE A 242 -0.81 20.55 16.62
C PHE A 242 -0.12 21.86 16.25
N GLU A 243 -0.68 22.54 15.27
CA GLU A 243 -0.19 23.84 14.82
C GLU A 243 -1.36 24.80 14.69
N ALA A 244 -1.03 26.08 14.58
CA ALA A 244 -2.04 27.07 14.23
C ALA A 244 -2.53 26.83 12.80
N PRO A 245 -3.80 27.14 12.50
CA PRO A 245 -4.79 27.77 13.38
C PRO A 245 -5.51 26.83 14.34
N THR A 246 -5.28 25.52 14.25
CA THR A 246 -6.02 24.58 15.09
C THR A 246 -5.69 24.78 16.56
N THR A 247 -4.40 24.92 16.89
CA THR A 247 -3.95 25.35 18.21
C THR A 247 -3.17 26.64 18.05
N PRO A 248 -3.83 27.79 18.18
CA PRO A 248 -3.16 29.08 17.98
C PRO A 248 -2.11 29.35 19.06
N PHE A 249 -1.35 30.41 18.84
CA PHE A 249 -0.43 30.90 19.85
C PHE A 249 -1.19 31.22 21.13
N GLY A 250 -0.77 30.59 22.24
CA GLY A 250 -1.43 30.71 23.52
C GLY A 250 -2.12 29.43 23.97
N TYR A 251 -2.46 28.55 23.02
CA TYR A 251 -3.08 27.27 23.33
C TYR A 251 -2.01 26.32 23.87
N ASN A 252 -2.13 25.98 25.16
CA ASN A 252 -1.25 24.97 25.76
C ASN A 252 -1.69 23.59 25.28
N GLU A 253 -0.87 22.96 24.44
CA GLU A 253 -1.25 21.69 23.83
C GLU A 253 -1.39 20.56 24.84
N LEU A 254 -0.88 20.74 26.06
CA LEU A 254 -1.12 19.73 27.08
C LEU A 254 -2.60 19.54 27.36
N GLY A 255 -3.42 20.55 27.05
CA GLY A 255 -4.86 20.38 27.19
C GLY A 255 -5.43 19.30 26.28
N VAL A 256 -4.76 19.04 25.14
CA VAL A 256 -5.21 17.97 24.25
C VAL A 256 -5.04 16.62 24.93
N ALA A 257 -3.85 16.37 25.49
CA ALA A 257 -3.61 15.14 26.23
C ALA A 257 -4.61 14.99 27.37
N GLY A 258 -4.88 16.10 28.08
CA GLY A 258 -5.85 16.05 29.16
C GLY A 258 -7.22 15.60 28.70
N ALA A 259 -7.63 16.05 27.51
CA ALA A 259 -8.93 15.63 26.97
C ALA A 259 -8.89 14.18 26.52
N LEU A 260 -7.76 13.75 25.93
CA LEU A 260 -7.62 12.36 25.49
C LEU A 260 -7.75 11.39 26.65
N ARG A 261 -7.26 11.74 27.83
CA ARG A 261 -7.31 10.86 28.99
C ARG A 261 -8.47 11.19 29.94
N GLN A 262 -9.18 12.30 29.71
CA GLN A 262 -10.15 12.82 30.67
C GLN A 262 -9.52 12.92 32.06
N GLN A 263 -8.29 13.42 32.08
CA GLN A 263 -7.46 13.52 33.27
C GLN A 263 -6.39 14.58 33.01
N PRO A 264 -6.32 15.63 33.82
CA PRO A 264 -5.32 16.67 33.58
C PRO A 264 -3.90 16.14 33.68
N VAL A 265 -3.09 16.53 32.71
CA VAL A 265 -1.65 16.31 32.81
C VAL A 265 -1.14 17.00 34.08
N GLU A 266 -0.30 16.30 34.83
CA GLU A 266 0.24 16.84 36.07
C GLU A 266 1.61 17.46 35.82
N LEU A 267 1.77 18.71 36.24
CA LEU A 267 3.03 19.43 36.14
C LEU A 267 3.72 19.50 37.50
N VAL A 268 5.04 19.69 37.48
CA VAL A 268 5.83 19.79 38.70
C VAL A 268 6.86 20.90 38.55
N GLN A 269 7.20 21.53 39.67
CA GLN A 269 8.26 22.54 39.64
C GLN A 269 9.61 21.88 39.43
N GLY A 270 10.37 22.38 38.45
CA GLY A 270 11.72 21.91 38.25
C GLY A 270 12.61 22.17 39.45
N VAL A 271 13.73 21.45 39.50
CA VAL A 271 14.60 21.56 40.66
C VAL A 271 15.57 22.73 40.53
N ALA A 272 15.90 23.17 39.30
CA ALA A 272 16.95 24.16 39.11
C ALA A 272 16.57 25.31 38.20
N VAL A 273 15.46 25.22 37.47
CA VAL A 273 15.03 26.29 36.59
C VAL A 273 13.61 26.69 36.96
N LYS A 274 13.26 27.94 36.65
CA LYS A 274 11.94 28.48 36.98
C LYS A 274 10.95 28.14 35.88
N GLU A 275 10.68 26.85 35.76
CA GLU A 275 9.74 26.34 34.77
C GLU A 275 9.20 24.99 35.26
N LYS A 276 8.00 24.66 34.81
CA LYS A 276 7.38 23.41 35.21
C LYS A 276 7.83 22.25 34.34
N ALA A 277 7.72 21.06 34.89
CA ALA A 277 8.08 19.83 34.22
C ALA A 277 6.92 18.85 34.33
N ILE A 278 6.89 17.87 33.42
CA ILE A 278 5.81 16.89 33.38
C ILE A 278 6.06 15.86 34.48
N ALA A 279 5.13 15.77 35.43
CA ALA A 279 5.42 15.14 36.71
C ALA A 279 5.71 13.65 36.57
N ARG A 280 4.99 12.97 35.67
CA ARG A 280 5.12 11.52 35.52
C ARG A 280 6.00 11.12 34.34
N ALA A 281 6.82 12.05 33.83
CA ALA A 281 7.77 11.73 32.78
C ALA A 281 8.84 10.76 33.31
N GLU A 282 9.59 10.18 32.38
CA GLU A 282 10.69 9.30 32.74
C GLU A 282 12.01 10.05 32.97
N ILE A 283 12.33 10.98 32.05
CA ILE A 283 13.58 11.73 32.12
C ILE A 283 13.28 13.19 31.85
N ILE A 284 13.93 14.08 32.60
CA ILE A 284 13.75 15.51 32.47
C ILE A 284 15.11 16.18 32.45
N ILE A 285 15.32 17.06 31.47
CA ILE A 285 16.51 17.90 31.40
C ILE A 285 16.05 19.34 31.59
N GLU A 286 16.47 19.95 32.70
CA GLU A 286 16.15 21.34 32.99
C GLU A 286 17.30 22.23 32.51
N GLY A 287 16.96 23.30 31.80
CA GLY A 287 17.99 24.13 31.21
C GLY A 287 17.47 25.52 30.89
N GLU A 288 18.34 26.29 30.26
CA GLU A 288 18.05 27.67 29.89
C GLU A 288 18.58 27.93 28.49
N LEU A 289 17.76 28.56 27.65
CA LEU A 289 18.20 28.99 26.33
C LEU A 289 19.02 30.26 26.47
N LEU A 290 20.30 30.17 26.17
CA LEU A 290 21.20 31.29 26.44
C LEU A 290 21.00 32.40 25.40
N PRO A 291 21.02 33.66 25.83
CA PRO A 291 20.90 34.75 24.87
C PRO A 291 22.23 35.02 24.17
N GLY A 292 22.15 35.28 22.86
CA GLY A 292 23.30 35.65 22.06
C GLY A 292 24.14 34.49 21.57
N VAL A 293 24.22 33.40 22.34
CA VAL A 293 25.08 32.29 21.97
C VAL A 293 24.48 31.54 20.78
N ARG A 294 25.32 31.21 19.81
CA ARG A 294 24.95 30.36 18.69
C ARG A 294 26.04 29.33 18.46
N VAL A 295 25.64 28.17 17.97
CA VAL A 295 26.57 27.07 17.74
C VAL A 295 26.21 26.39 16.42
N ARG A 296 27.22 25.79 15.80
CA ARG A 296 27.02 25.04 14.57
C ARG A 296 26.70 23.60 14.92
N GLU A 297 25.61 23.07 14.35
CA GLU A 297 25.05 21.81 14.84
C GLU A 297 26.06 20.67 14.78
N ASP A 298 26.86 20.62 13.70
CA ASP A 298 27.84 19.56 13.52
C ASP A 298 29.26 20.02 13.85
N GLN A 299 29.41 20.89 14.85
CA GLN A 299 30.72 21.43 15.18
C GLN A 299 31.72 20.34 15.55
N HIS A 300 31.24 19.24 16.15
CA HIS A 300 32.13 18.19 16.64
C HIS A 300 32.31 17.04 15.66
N THR A 301 31.56 17.01 14.56
CA THR A 301 31.65 15.90 13.62
C THR A 301 31.92 16.39 12.20
N ASN A 302 31.44 17.58 11.88
CA ASN A 302 31.61 18.18 10.54
C ASN A 302 31.08 17.26 9.44
N THR A 303 30.00 16.53 9.74
CA THR A 303 29.39 15.70 8.71
C THR A 303 28.62 16.51 7.68
N GLY A 304 28.31 17.78 8.00
CA GLY A 304 27.44 18.57 7.16
C GLY A 304 25.98 18.21 7.22
N HIS A 305 25.60 17.21 8.02
CA HIS A 305 24.22 16.78 8.12
C HIS A 305 23.73 16.89 9.56
N ALA A 306 22.42 17.06 9.71
CA ALA A 306 21.80 17.00 11.03
C ALA A 306 21.38 15.58 11.35
N MET A 307 20.21 15.19 10.85
CA MET A 307 19.69 13.84 11.02
C MET A 307 18.62 13.63 9.95
N PRO A 308 18.15 12.39 9.77
CA PRO A 308 17.06 12.16 8.80
C PRO A 308 15.83 12.98 9.14
N GLU A 309 15.17 13.46 8.09
CA GLU A 309 13.93 14.21 8.22
CA GLU A 309 13.93 14.21 8.23
C GLU A 309 12.75 13.34 7.79
N PHE A 310 11.55 13.77 8.18
CA PHE A 310 10.37 12.95 7.92
C PHE A 310 10.10 12.67 6.44
N PRO A 311 10.45 13.50 5.46
CA PRO A 311 10.26 13.09 4.06
C PRO A 311 11.17 11.97 3.60
N GLY A 312 12.12 11.53 4.44
CA GLY A 312 12.98 10.42 4.12
C GLY A 312 14.37 10.76 3.62
N TYR A 313 14.78 12.02 3.68
CA TYR A 313 16.09 12.46 3.26
C TYR A 313 16.87 13.01 4.44
N CYS A 314 18.19 13.03 4.31
N CYS A 314 18.18 13.09 4.31
CA CYS A 314 19.03 13.63 5.33
CA CYS A 314 19.01 13.59 5.41
C CYS A 314 18.83 15.14 5.33
C CYS A 314 19.06 15.11 5.38
N GLY A 315 18.77 15.73 6.52
CA GLY A 315 18.83 17.17 6.62
C GLY A 315 20.24 17.67 6.79
N GLU A 316 20.50 18.88 6.32
CA GLU A 316 21.81 19.46 6.47
C GLU A 316 21.96 20.06 7.88
N ALA A 317 23.18 20.04 8.39
CA ALA A 317 23.45 20.63 9.69
C ALA A 317 23.06 22.11 9.67
N ASN A 318 22.50 22.58 10.77
CA ASN A 318 22.18 23.99 10.89
C ASN A 318 23.41 24.74 11.37
N PRO A 319 23.84 25.79 10.67
CA PRO A 319 25.09 26.47 11.05
C PRO A 319 24.97 27.37 12.27
N SER A 320 23.76 27.70 12.72
CA SER A 320 23.60 28.65 13.83
C SER A 320 22.35 28.27 14.61
N LEU A 321 22.54 27.61 15.75
CA LEU A 321 21.46 27.20 16.61
C LEU A 321 21.64 27.76 18.02
N PRO A 322 20.55 28.11 18.69
CA PRO A 322 20.65 28.47 20.10
C PRO A 322 20.98 27.22 20.91
N VAL A 323 21.62 27.43 22.06
CA VAL A 323 22.03 26.32 22.89
C VAL A 323 21.27 26.38 24.22
N ILE A 324 20.99 25.21 24.77
CA ILE A 324 20.39 25.07 26.09
C ILE A 324 21.50 24.75 27.07
N LYS A 325 21.69 25.61 28.07
CA LYS A 325 22.63 25.35 29.15
C LYS A 325 21.92 24.49 30.19
N VAL A 326 22.37 23.24 30.32
CA VAL A 326 21.72 22.29 31.21
C VAL A 326 22.01 22.67 32.67
N LYS A 327 20.96 22.84 33.47
CA LYS A 327 21.09 23.10 34.89
C LYS A 327 20.94 21.86 35.74
N ALA A 328 20.12 20.91 35.33
CA ALA A 328 19.95 19.67 36.07
C ALA A 328 19.28 18.64 35.17
N VAL A 329 19.49 17.37 35.51
CA VAL A 329 18.77 16.26 34.90
C VAL A 329 18.08 15.50 36.03
N THR A 330 16.86 15.04 35.76
CA THR A 330 15.95 14.57 36.78
C THR A 330 15.20 13.37 36.22
N MET A 331 15.31 12.22 36.89
CA MET A 331 14.89 10.95 36.30
C MET A 331 14.11 10.13 37.31
N ARG A 332 13.37 9.16 36.77
CA ARG A 332 12.84 8.08 37.58
C ARG A 332 13.95 7.04 37.82
N ASN A 333 13.68 6.12 38.75
CA ASN A 333 14.57 4.98 38.94
C ASN A 333 14.45 4.03 37.75
N HIS A 334 15.59 3.49 37.31
CA HIS A 334 15.64 2.63 36.13
CA HIS A 334 15.64 2.63 36.13
C HIS A 334 14.91 3.30 34.95
N ALA A 335 15.15 4.60 34.79
CA ALA A 335 14.39 5.38 33.82
C ALA A 335 14.60 4.88 32.41
N ILE A 336 13.54 4.95 31.62
CA ILE A 336 13.58 4.66 30.20
C ILE A 336 13.90 5.94 29.46
N LEU A 337 14.87 5.87 28.54
CA LEU A 337 15.08 6.94 27.57
C LEU A 337 14.30 6.58 26.30
N GLN A 338 13.26 7.34 26.01
CA GLN A 338 12.42 7.13 24.85
C GLN A 338 12.86 8.05 23.72
N THR A 339 13.06 7.48 22.53
CA THR A 339 13.38 8.23 21.33
C THR A 339 12.75 7.52 20.14
N LEU A 340 13.17 7.87 18.93
CA LEU A 340 12.58 7.28 17.73
C LEU A 340 13.66 7.00 16.70
N VAL A 341 13.27 6.29 15.65
CA VAL A 341 14.15 5.92 14.55
C VAL A 341 13.42 6.18 13.24
N GLY A 342 14.07 6.88 12.31
CA GLY A 342 13.53 7.02 10.99
C GLY A 342 13.57 8.43 10.42
N PRO A 343 12.70 9.33 10.92
CA PRO A 343 11.71 9.15 11.99
C PRO A 343 10.54 8.26 11.59
N GLY A 344 10.39 8.02 10.29
CA GLY A 344 9.53 6.95 9.79
C GLY A 344 8.09 7.03 10.27
N GLU A 345 7.54 5.87 10.63
CA GLU A 345 6.14 5.79 11.00
C GLU A 345 5.85 6.49 12.32
N GLU A 346 6.83 6.58 13.21
CA GLU A 346 6.63 7.30 14.47
C GLU A 346 6.29 8.76 14.19
N HIS A 347 6.98 9.38 13.23
CA HIS A 347 6.62 10.75 12.86
C HIS A 347 5.26 10.80 12.18
N THR A 348 4.94 9.80 11.36
CA THR A 348 3.62 9.76 10.74
C THR A 348 2.52 9.82 11.80
N THR A 349 2.66 9.04 12.87
CA THR A 349 1.65 9.04 13.92
C THR A 349 1.63 10.38 14.63
N LEU A 350 2.80 10.89 15.02
CA LEU A 350 2.86 12.08 15.87
C LEU A 350 2.36 13.32 15.14
N ALA A 351 2.76 13.50 13.89
CA ALA A 351 2.28 14.64 13.11
C ALA A 351 0.95 14.35 12.41
N GLY A 352 0.72 13.10 12.00
CA GLY A 352 -0.43 12.81 11.16
C GLY A 352 -1.76 12.81 11.88
N LEU A 353 -1.80 12.31 13.11
CA LEU A 353 -3.05 12.30 13.85
C LEU A 353 -3.58 13.71 14.12
N PRO A 354 -2.76 14.68 14.55
CA PRO A 354 -3.25 16.06 14.62
C PRO A 354 -3.60 16.64 13.26
N THR A 355 -2.85 16.27 12.22
CA THR A 355 -3.17 16.76 10.89
C THR A 355 -4.58 16.32 10.48
N GLU A 356 -4.87 15.02 10.68
CA GLU A 356 -6.21 14.50 10.40
C GLU A 356 -7.25 15.21 11.26
N ALA A 357 -6.98 15.34 12.57
CA ALA A 357 -7.93 15.97 13.48
C ALA A 357 -8.19 17.41 13.09
N SER A 358 -7.14 18.14 12.71
CA SER A 358 -7.29 19.54 12.29
C SER A 358 -8.15 19.63 11.03
N ILE A 359 -7.88 18.78 10.04
CA ILE A 359 -8.64 18.82 8.80
C ILE A 359 -10.09 18.41 9.04
N ARG A 360 -10.30 17.34 9.80
N ARG A 360 -10.31 17.33 9.79
CA ARG A 360 -11.65 16.84 10.04
CA ARG A 360 -11.67 16.86 10.00
C ARG A 360 -12.52 17.89 10.72
C ARG A 360 -12.52 17.91 10.70
N ASN A 361 -11.97 18.56 11.73
CA ASN A 361 -12.72 19.60 12.43
C ASN A 361 -13.09 20.74 11.50
N ALA A 362 -12.16 21.15 10.63
CA ALA A 362 -12.42 22.26 9.73
C ALA A 362 -13.50 21.92 8.71
N VAL A 363 -13.40 20.75 8.08
CA VAL A 363 -14.38 20.37 7.07
C VAL A 363 -15.75 20.13 7.70
N GLU A 364 -15.78 19.51 8.89
CA GLU A 364 -17.07 19.24 9.53
C GLU A 364 -17.77 20.53 9.91
N GLU A 365 -17.02 21.57 10.30
CA GLU A 365 -17.62 22.86 10.62
C GLU A 365 -18.21 23.52 9.39
N ALA A 366 -17.52 23.41 8.25
CA ALA A 366 -17.98 24.10 7.04
C ALA A 366 -19.00 23.26 6.26
N ILE A 367 -18.78 21.96 6.12
CA ILE A 367 -19.67 21.09 5.38
C ILE A 367 -20.11 19.93 6.26
N PRO A 368 -21.06 20.14 7.18
CA PRO A 368 -21.44 19.09 8.13
C PRO A 368 -21.93 17.83 7.42
N GLY A 369 -21.47 16.67 7.90
CA GLY A 369 -21.90 15.39 7.39
C GLY A 369 -21.22 14.92 6.11
N PHE A 370 -20.40 15.77 5.47
CA PHE A 370 -19.86 15.43 4.15
C PHE A 370 -18.61 14.56 4.27
N LEU A 371 -17.63 15.01 5.04
CA LEU A 371 -16.36 14.30 5.17
C LEU A 371 -16.55 13.08 6.05
N GLN A 372 -16.25 11.89 5.51
CA GLN A 372 -16.36 10.68 6.31
C GLN A 372 -15.09 10.39 7.10
N ASN A 373 -13.93 10.65 6.50
CA ASN A 373 -12.67 10.32 7.15
C ASN A 373 -11.54 11.05 6.42
N VAL A 374 -10.37 11.03 7.04
CA VAL A 374 -9.18 11.68 6.50
C VAL A 374 -7.96 10.90 6.96
N TYR A 375 -6.99 10.74 6.07
CA TYR A 375 -5.75 10.04 6.37
C TYR A 375 -4.57 10.91 5.98
N ALA A 376 -3.78 11.31 6.96
CA ALA A 376 -2.51 12.00 6.72
C ALA A 376 -1.49 10.93 6.36
N HIS A 377 -1.37 10.67 5.05
CA HIS A 377 -0.72 9.44 4.58
C HIS A 377 0.73 9.35 5.08
N THR A 378 1.14 8.11 5.40
CA THR A 378 2.51 7.88 5.87
C THR A 378 3.54 8.18 4.79
N ALA A 379 3.12 8.15 3.52
CA ALA A 379 4.02 8.49 2.43
C ALA A 379 4.40 9.97 2.45
N GLY A 380 3.63 10.81 3.14
CA GLY A 380 3.99 12.20 3.32
C GLY A 380 4.45 12.49 4.72
N GLY A 381 4.80 11.45 5.47
CA GLY A 381 5.24 11.60 6.84
C GLY A 381 4.15 12.15 7.75
N GLY A 382 2.89 12.03 7.34
CA GLY A 382 1.80 12.61 8.08
C GLY A 382 1.61 14.11 7.86
N LYS A 383 2.30 14.71 6.90
N LYS A 383 2.29 14.71 6.88
CA LYS A 383 2.17 16.14 6.65
CA LYS A 383 2.18 16.13 6.65
C LYS A 383 1.88 16.48 5.19
C LYS A 383 1.91 16.50 5.20
N PHE A 384 2.55 15.83 4.24
CA PHE A 384 2.51 16.27 2.86
C PHE A 384 1.31 15.77 2.05
N LEU A 385 0.78 14.59 2.37
CA LEU A 385 -0.25 13.96 1.53
C LEU A 385 -1.49 13.72 2.36
N GLY A 386 -2.62 14.32 1.93
CA GLY A 386 -3.89 14.14 2.60
C GLY A 386 -4.88 13.39 1.72
N ILE A 387 -5.41 12.31 2.27
CA ILE A 387 -6.47 11.52 1.63
C ILE A 387 -7.79 11.88 2.31
N LEU A 388 -8.71 12.45 1.55
CA LEU A 388 -10.00 12.87 2.08
C LEU A 388 -11.07 11.92 1.55
N GLN A 389 -11.83 11.34 2.47
CA GLN A 389 -12.92 10.43 2.11
C GLN A 389 -14.24 11.17 2.30
N VAL A 390 -14.97 11.37 1.21
CA VAL A 390 -16.22 12.11 1.25
C VAL A 390 -17.35 11.19 0.79
N LYS A 391 -18.57 11.61 1.09
CA LYS A 391 -19.77 10.89 0.67
C LYS A 391 -20.71 11.91 0.06
N LYS A 392 -20.88 11.86 -1.27
CA LYS A 392 -21.87 12.71 -1.94
C LYS A 392 -23.26 12.15 -1.68
N ARG A 393 -24.10 12.91 -0.98
CA ARG A 393 -25.42 12.45 -0.55
C ARG A 393 -26.54 12.97 -1.44
N GLN A 394 -26.28 14.00 -2.24
CA GLN A 394 -27.31 14.71 -2.98
C GLN A 394 -26.63 15.42 -4.15
N PRO A 395 -27.40 15.85 -5.16
CA PRO A 395 -26.76 16.54 -6.31
C PRO A 395 -25.93 17.74 -5.92
N SER A 396 -26.33 18.48 -4.88
CA SER A 396 -25.56 19.67 -4.48
C SER A 396 -24.21 19.33 -3.87
N ASP A 397 -23.98 18.08 -3.46
CA ASP A 397 -22.65 17.70 -3.00
C ASP A 397 -21.64 17.65 -4.13
N GLU A 398 -22.09 17.56 -5.39
CA GLU A 398 -21.16 17.68 -6.50
C GLU A 398 -20.56 19.08 -6.49
N GLY A 399 -19.24 19.16 -6.57
CA GLY A 399 -18.53 20.40 -6.39
C GLY A 399 -18.06 20.66 -4.97
N ARG A 400 -18.57 19.91 -3.99
CA ARG A 400 -18.10 20.09 -2.62
C ARG A 400 -16.82 19.30 -2.33
N GLN A 401 -16.50 18.28 -3.14
CA GLN A 401 -15.27 17.54 -2.88
C GLN A 401 -14.06 18.45 -3.03
N GLY A 402 -14.08 19.34 -4.04
CA GLY A 402 -13.01 20.30 -4.21
C GLY A 402 -12.98 21.33 -3.11
N GLN A 403 -14.15 21.69 -2.57
CA GLN A 403 -14.20 22.59 -1.43
C GLN A 403 -13.55 21.97 -0.21
N ALA A 404 -13.81 20.68 0.04
CA ALA A 404 -13.14 20.00 1.14
C ALA A 404 -11.63 19.98 0.97
N ALA A 405 -11.15 19.81 -0.25
CA ALA A 405 -9.70 19.86 -0.49
C ALA A 405 -9.15 21.24 -0.17
N LEU A 406 -9.87 22.29 -0.58
CA LEU A 406 -9.45 23.66 -0.26
C LEU A 406 -9.41 23.90 1.24
N ILE A 407 -10.42 23.39 1.96
CA ILE A 407 -10.43 23.54 3.41
C ILE A 407 -9.22 22.83 4.03
N ALA A 408 -8.90 21.65 3.54
CA ALA A 408 -7.72 20.94 4.04
C ALA A 408 -6.46 21.74 3.77
N LEU A 409 -6.30 22.24 2.54
CA LEU A 409 -5.12 23.03 2.21
C LEU A 409 -5.04 24.32 3.03
N ALA A 410 -6.19 24.94 3.32
CA ALA A 410 -6.22 26.16 4.13
C ALA A 410 -5.99 25.89 5.61
N THR A 411 -6.29 24.68 6.08
CA THR A 411 -6.14 24.36 7.49
C THR A 411 -4.71 23.95 7.83
N TYR A 412 -4.03 23.27 6.91
CA TYR A 412 -2.70 22.71 7.14
C TYR A 412 -1.83 23.13 5.97
N SER A 413 -1.14 24.27 6.12
CA SER A 413 -0.43 24.87 4.99
C SER A 413 0.76 24.04 4.54
N GLU A 414 1.21 23.08 5.34
CA GLU A 414 2.33 22.24 4.95
C GLU A 414 1.90 21.01 4.16
N LEU A 415 0.60 20.83 3.95
CA LEU A 415 0.13 19.87 2.97
C LEU A 415 0.70 20.19 1.61
N LYS A 416 0.84 19.16 0.78
CA LYS A 416 1.24 19.35 -0.60
C LYS A 416 0.17 18.89 -1.58
N ASN A 417 -0.25 17.63 -1.51
CA ASN A 417 -1.25 17.11 -2.44
C ASN A 417 -2.44 16.55 -1.68
N ILE A 418 -3.60 16.59 -2.33
CA ILE A 418 -4.84 16.05 -1.79
C ILE A 418 -5.38 15.02 -2.77
N ILE A 419 -5.80 13.87 -2.25
CA ILE A 419 -6.50 12.86 -3.04
C ILE A 419 -7.89 12.70 -2.44
N LEU A 420 -8.92 12.92 -3.27
CA LEU A 420 -10.31 12.82 -2.86
C LEU A 420 -10.87 11.48 -3.35
N VAL A 421 -11.52 10.73 -2.44
CA VAL A 421 -12.13 9.45 -2.78
C VAL A 421 -13.49 9.34 -2.10
N ASP A 422 -14.32 8.42 -2.60
CA ASP A 422 -15.64 8.18 -2.05
C ASP A 422 -15.57 7.21 -0.87
N GLU A 423 -16.73 7.02 -0.22
CA GLU A 423 -16.82 6.23 1.00
C GLU A 423 -16.62 4.73 0.76
N ASP A 424 -16.59 4.26 -0.48
CA ASP A 424 -16.33 2.85 -0.74
C ASP A 424 -14.86 2.58 -1.06
N VAL A 425 -13.99 3.55 -0.82
CA VAL A 425 -12.55 3.39 -0.99
C VAL A 425 -11.90 3.41 0.39
N ASP A 426 -11.08 2.40 0.67
CA ASP A 426 -10.36 2.30 1.94
C ASP A 426 -9.14 3.22 1.87
N ILE A 427 -9.25 4.39 2.50
CA ILE A 427 -8.18 5.39 2.41
C ILE A 427 -6.90 4.98 3.11
N PHE A 428 -6.94 3.95 3.95
CA PHE A 428 -5.73 3.45 4.60
C PHE A 428 -5.08 2.31 3.84
N ASP A 429 -5.64 1.95 2.67
CA ASP A 429 -5.10 0.92 1.79
C ASP A 429 -4.55 1.63 0.57
N SER A 430 -3.21 1.75 0.49
CA SER A 430 -2.61 2.47 -0.63
C SER A 430 -2.92 1.82 -1.97
N ASP A 431 -3.11 0.49 -1.99
CA ASP A 431 -3.59 -0.17 -3.20
C ASP A 431 -4.94 0.38 -3.61
N ASP A 432 -5.87 0.49 -2.65
CA ASP A 432 -7.19 1.01 -2.96
C ASP A 432 -7.15 2.47 -3.37
N ILE A 433 -6.20 3.24 -2.83
CA ILE A 433 -6.05 4.62 -3.28
C ILE A 433 -5.64 4.66 -4.75
N LEU A 434 -4.62 3.87 -5.11
CA LEU A 434 -4.17 3.84 -6.50
C LEU A 434 -5.25 3.29 -7.42
N TRP A 435 -6.11 2.41 -6.89
CA TRP A 435 -7.25 1.93 -7.68
C TRP A 435 -8.19 3.08 -8.02
N ALA A 436 -8.51 3.93 -7.04
CA ALA A 436 -9.37 5.08 -7.31
C ALA A 436 -8.71 6.03 -8.30
N MET A 437 -7.38 6.14 -8.22
CA MET A 437 -6.62 6.97 -9.16
C MET A 437 -6.56 6.36 -10.56
N THR A 438 -6.97 5.10 -10.71
CA THR A 438 -6.92 4.40 -12.00
C THR A 438 -8.27 4.30 -12.68
N THR A 439 -9.32 3.91 -11.95
CA THR A 439 -10.64 3.73 -12.55
C THR A 439 -11.61 4.88 -12.28
N ARG A 440 -11.22 5.88 -11.48
CA ARG A 440 -12.10 6.96 -11.10
C ARG A 440 -11.42 8.31 -11.29
N MET A 441 -10.67 8.44 -12.38
CA MET A 441 -9.89 9.63 -12.60
C MET A 441 -9.58 9.73 -14.08
N GLN A 442 -9.73 10.93 -14.64
CA GLN A 442 -9.27 11.20 -15.99
C GLN A 442 -8.30 12.36 -15.92
N GLY A 443 -7.09 12.13 -16.44
CA GLY A 443 -6.00 13.07 -16.20
C GLY A 443 -6.27 14.49 -16.63
N ASP A 444 -7.00 14.69 -17.73
CA ASP A 444 -7.30 16.04 -18.19
C ASP A 444 -8.59 16.59 -17.61
N VAL A 445 -9.19 15.88 -16.64
CA VAL A 445 -10.43 16.32 -15.98
C VAL A 445 -10.21 16.49 -14.48
N SER A 446 -9.58 15.52 -13.84
CA SER A 446 -9.66 15.34 -12.39
C SER A 446 -8.49 15.94 -11.63
N ILE A 447 -7.52 16.55 -12.31
CA ILE A 447 -6.28 17.02 -11.70
C ILE A 447 -6.23 18.54 -11.77
N THR A 448 -6.17 19.19 -10.61
CA THR A 448 -6.05 20.65 -10.51
C THR A 448 -4.73 20.99 -9.83
N THR A 449 -3.92 21.83 -10.49
CA THR A 449 -2.63 22.26 -9.96
C THR A 449 -2.71 23.71 -9.49
N LEU A 450 -2.07 23.99 -8.34
CA LEU A 450 -2.02 25.32 -7.75
C LEU A 450 -0.56 25.71 -7.60
N PRO A 451 0.02 26.43 -8.56
CA PRO A 451 1.45 26.75 -8.49
C PRO A 451 1.75 27.88 -7.51
N GLY A 452 2.99 27.85 -7.00
CA GLY A 452 3.50 28.96 -6.22
C GLY A 452 2.92 29.12 -4.83
N ILE A 453 2.51 28.03 -4.18
CA ILE A 453 1.97 28.07 -2.83
C ILE A 453 3.03 27.60 -1.85
N ARG A 454 3.25 28.39 -0.79
CA ARG A 454 4.24 28.05 0.21
C ARG A 454 3.93 26.70 0.84
N GLY A 455 4.93 25.81 0.86
CA GLY A 455 4.72 24.46 1.33
C GLY A 455 5.59 24.10 2.52
N HIS A 456 6.73 23.46 2.27
CA HIS A 456 7.60 23.01 3.35
C HIS A 456 9.03 22.91 2.84
N GLN A 457 9.97 23.43 3.64
CA GLN A 457 11.38 23.47 3.24
C GLN A 457 11.97 22.09 3.02
N LEU A 458 11.50 21.08 3.75
CA LEU A 458 12.13 19.77 3.72
C LEU A 458 11.65 18.89 2.57
N ASP A 459 10.73 19.36 1.74
CA ASP A 459 10.45 18.68 0.49
C ASP A 459 11.48 19.15 -0.53
N PRO A 460 12.46 18.31 -0.89
CA PRO A 460 13.53 18.78 -1.78
C PRO A 460 13.05 19.11 -3.18
N SER A 461 11.87 18.64 -3.59
CA SER A 461 11.35 19.05 -4.89
C SER A 461 10.73 20.44 -4.86
N GLN A 462 10.58 21.05 -3.69
CA GLN A 462 10.07 22.41 -3.58
C GLN A 462 11.24 23.38 -3.72
N SER A 463 11.74 23.48 -4.95
CA SER A 463 12.95 24.22 -5.27
C SER A 463 12.86 24.83 -6.66
N PRO A 464 13.40 26.04 -6.85
CA PRO A 464 13.43 26.62 -8.20
C PRO A 464 14.15 25.72 -9.20
N ASP A 465 15.03 24.84 -8.71
CA ASP A 465 15.71 23.93 -9.63
C ASP A 465 14.79 22.83 -10.16
N TYR A 466 13.66 22.58 -9.50
CA TYR A 466 12.72 21.56 -9.95
C TYR A 466 11.64 22.12 -10.85
N SER A 467 11.31 23.41 -10.71
CA SER A 467 10.19 24.00 -11.44
C SER A 467 10.39 25.50 -11.57
N THR A 468 10.17 26.03 -12.77
CA THR A 468 10.27 27.47 -12.99
C THR A 468 9.13 28.26 -12.36
N SER A 469 8.07 27.58 -11.91
CA SER A 469 7.00 28.28 -11.21
C SER A 469 7.27 28.41 -9.71
N ILE A 470 8.37 27.87 -9.22
CA ILE A 470 8.76 27.92 -7.82
C ILE A 470 9.80 29.02 -7.65
N ARG A 471 9.46 30.05 -6.88
CA ARG A 471 10.31 31.23 -6.73
C ARG A 471 11.33 31.11 -5.60
N GLY A 472 11.24 30.08 -4.77
CA GLY A 472 12.16 29.96 -3.65
C GLY A 472 11.94 28.62 -2.97
N ASN A 473 12.89 28.26 -2.11
CA ASN A 473 12.82 26.98 -1.43
C ASN A 473 11.57 26.89 -0.56
N GLY A 474 10.97 25.71 -0.52
CA GLY A 474 9.79 25.50 0.29
C GLY A 474 8.51 26.06 -0.29
N ILE A 475 8.50 26.44 -1.57
CA ILE A 475 7.29 26.79 -2.29
C ILE A 475 7.01 25.66 -3.28
N SER A 476 5.73 25.34 -3.47
CA SER A 476 5.36 24.14 -4.23
C SER A 476 4.23 24.45 -5.19
N CYS A 477 4.12 23.62 -6.20
CA CYS A 477 2.83 23.37 -6.83
C CYS A 477 2.10 22.37 -5.95
N LYS A 478 0.85 22.69 -5.59
CA LYS A 478 0.01 21.78 -4.83
C LYS A 478 -1.06 21.24 -5.77
N THR A 479 -1.33 19.94 -5.66
CA THR A 479 -2.16 19.26 -6.65
C THR A 479 -3.32 18.54 -5.97
N ILE A 480 -4.51 18.69 -6.54
CA ILE A 480 -5.71 18.02 -6.06
C ILE A 480 -6.11 16.97 -7.08
N PHE A 481 -6.09 15.71 -6.66
CA PHE A 481 -6.54 14.58 -7.48
C PHE A 481 -7.96 14.25 -7.04
N ASP A 482 -8.94 14.60 -7.86
CA ASP A 482 -10.33 14.26 -7.59
C ASP A 482 -10.62 12.88 -8.15
N CYS A 483 -10.60 11.88 -7.28
CA CYS A 483 -10.95 10.50 -7.64
C CYS A 483 -12.31 10.11 -7.09
N THR A 484 -13.21 11.07 -6.90
CA THR A 484 -14.59 10.77 -6.56
C THR A 484 -15.41 10.60 -7.83
N VAL A 485 -16.36 9.66 -7.79
CA VAL A 485 -17.27 9.48 -8.92
C VAL A 485 -18.13 10.72 -9.09
N PRO A 486 -18.18 11.31 -10.30
CA PRO A 486 -19.13 12.40 -10.53
C PRO A 486 -20.53 11.98 -10.13
N TRP A 487 -21.25 12.91 -9.48
CA TRP A 487 -22.56 12.59 -8.92
C TRP A 487 -23.47 11.92 -9.94
N ALA A 488 -23.54 12.48 -11.15
CA ALA A 488 -24.47 11.95 -12.15
C ALA A 488 -24.15 10.53 -12.58
N LEU A 489 -22.93 10.04 -12.33
CA LEU A 489 -22.50 8.74 -12.82
C LEU A 489 -22.42 7.68 -11.71
N LYS A 490 -22.94 7.97 -10.52
CA LYS A 490 -22.64 7.11 -9.38
C LYS A 490 -23.22 5.71 -9.55
N ALA A 491 -24.37 5.58 -10.21
CA ALA A 491 -24.96 4.25 -10.39
C ALA A 491 -24.11 3.35 -11.26
N ARG A 492 -23.20 3.91 -12.06
CA ARG A 492 -22.35 3.12 -12.93
C ARG A 492 -21.04 2.68 -12.28
N PHE A 493 -20.71 3.19 -11.10
CA PHE A 493 -19.41 2.94 -10.50
C PHE A 493 -19.53 2.12 -9.22
N GLU A 494 -20.60 1.33 -9.12
CA GLU A 494 -20.78 0.47 -7.95
C GLU A 494 -19.77 -0.67 -8.00
N ARG A 495 -19.06 -0.89 -6.90
CA ARG A 495 -18.11 -1.99 -6.83
C ARG A 495 -18.87 -3.32 -6.70
N ALA A 496 -18.32 -4.35 -7.33
CA ALA A 496 -18.97 -5.66 -7.41
C ALA A 496 -19.40 -6.12 -6.02
N PRO A 497 -20.70 -6.38 -5.81
CA PRO A 497 -21.17 -6.70 -4.46
C PRO A 497 -21.05 -8.17 -4.12
N PHE A 498 -20.23 -8.50 -3.13
CA PHE A 498 -20.11 -9.87 -2.67
C PHE A 498 -21.01 -10.12 -1.47
N MET A 499 -21.54 -11.34 -1.40
CA MET A 499 -22.50 -11.70 -0.36
C MET A 499 -21.90 -11.50 1.03
N GLU A 500 -22.69 -10.90 1.92
CA GLU A 500 -22.28 -10.68 3.30
C GLU A 500 -22.24 -12.01 4.03
N VAL A 501 -21.04 -12.43 4.46
CA VAL A 501 -20.87 -13.65 5.22
C VAL A 501 -19.90 -13.39 6.36
N ASP A 502 -20.01 -14.23 7.40
CA ASP A 502 -19.00 -14.26 8.45
C ASP A 502 -17.99 -15.34 8.07
N PRO A 503 -16.77 -14.98 7.68
CA PRO A 503 -15.83 -16.01 7.18
C PRO A 503 -15.24 -16.88 8.27
N THR A 504 -15.43 -16.54 9.54
CA THR A 504 -14.73 -17.23 10.63
C THR A 504 -14.91 -18.74 10.65
N PRO A 505 -16.09 -19.33 10.41
CA PRO A 505 -16.20 -20.79 10.51
C PRO A 505 -15.39 -21.57 9.50
N TRP A 506 -15.04 -20.96 8.36
CA TRP A 506 -14.26 -21.66 7.33
C TRP A 506 -12.76 -21.56 7.56
N ALA A 507 -12.30 -20.63 8.40
CA ALA A 507 -10.89 -20.54 8.77
C ALA A 507 -10.74 -19.88 10.13
N PRO A 508 -11.11 -20.55 11.22
CA PRO A 508 -11.00 -19.91 12.55
C PRO A 508 -9.59 -19.43 12.88
N GLU A 509 -8.55 -20.15 12.47
CA GLU A 509 -7.19 -19.78 12.83
C GLU A 509 -6.82 -18.38 12.35
N LEU A 510 -7.37 -17.96 11.21
CA LEU A 510 -7.06 -16.67 10.62
C LEU A 510 -7.99 -15.56 11.10
N PHE A 511 -8.80 -15.80 12.14
CA PHE A 511 -9.60 -14.76 12.75
C PHE A 511 -9.65 -14.94 14.26
N PRO B 24 9.04 -31.46 -8.35
CA PRO B 24 8.66 -31.48 -9.76
C PRO B 24 7.16 -31.28 -9.97
N ILE B 25 6.76 -30.11 -10.44
CA ILE B 25 5.36 -29.74 -10.60
C ILE B 25 4.96 -29.99 -12.05
N ASN B 26 4.02 -30.93 -12.26
CA ASN B 26 3.50 -31.22 -13.59
C ASN B 26 2.01 -30.92 -13.71
N ASP B 27 1.31 -30.73 -12.61
CA ASP B 27 -0.14 -30.54 -12.62
C ASP B 27 -0.54 -29.78 -11.36
N LEU B 28 -1.85 -29.77 -11.05
CA LEU B 28 -2.33 -28.95 -9.95
C LEU B 28 -2.06 -29.60 -8.60
N ARG B 29 -2.14 -30.94 -8.53
CA ARG B 29 -1.91 -31.61 -7.25
C ARG B 29 -0.45 -31.53 -6.83
N SER B 30 0.48 -31.63 -7.78
CA SER B 30 1.89 -31.43 -7.43
C SER B 30 2.16 -29.99 -7.03
N ALA B 31 1.44 -29.04 -7.65
CA ALA B 31 1.56 -27.64 -7.25
C ALA B 31 1.08 -27.44 -5.82
N ILE B 32 -0.07 -28.03 -5.48
CA ILE B 32 -0.60 -27.95 -4.12
C ILE B 32 0.39 -28.55 -3.13
N ALA B 33 0.99 -29.69 -3.50
CA ALA B 33 1.95 -30.35 -2.61
C ALA B 33 3.08 -29.41 -2.23
N LEU B 34 3.55 -28.59 -3.17
CA LEU B 34 4.64 -27.65 -2.86
C LEU B 34 4.14 -26.54 -1.92
N LEU B 35 2.93 -26.02 -2.19
CA LEU B 35 2.37 -24.99 -1.32
C LEU B 35 2.26 -25.47 0.12
N GLN B 36 1.99 -26.76 0.34
CA GLN B 36 1.89 -27.27 1.70
C GLN B 36 3.26 -27.31 2.39
N ARG B 37 4.35 -27.29 1.63
CA ARG B 37 5.69 -27.18 2.21
C ARG B 37 6.07 -25.74 2.52
N HIS B 38 5.16 -24.79 2.29
CA HIS B 38 5.39 -23.37 2.60
C HIS B 38 4.16 -22.88 3.35
N PRO B 39 4.13 -23.04 4.68
CA PRO B 39 2.91 -22.74 5.44
C PRO B 39 2.45 -21.30 5.23
N GLY B 40 1.14 -21.14 5.06
CA GLY B 40 0.53 -19.86 4.80
C GLY B 40 -0.06 -19.73 3.41
N HIS B 41 0.33 -20.60 2.48
CA HIS B 41 -0.09 -20.49 1.09
C HIS B 41 -1.24 -21.41 0.72
N TYR B 42 -1.59 -22.37 1.57
CA TYR B 42 -2.67 -23.31 1.26
C TYR B 42 -3.37 -23.70 2.53
N ILE B 43 -4.70 -23.62 2.53
CA ILE B 43 -5.54 -24.13 3.61
C ILE B 43 -6.71 -24.87 3.00
N GLU B 44 -7.32 -25.74 3.80
CA GLU B 44 -8.52 -26.45 3.43
C GLU B 44 -9.58 -26.19 4.50
N THR B 45 -10.85 -26.40 4.12
CA THR B 45 -11.94 -26.31 5.07
C THR B 45 -12.94 -27.41 4.79
N ASP B 46 -13.49 -27.99 5.86
CA ASP B 46 -14.54 -28.99 5.76
C ASP B 46 -15.90 -28.41 6.13
N HIS B 47 -15.97 -27.12 6.46
CA HIS B 47 -17.25 -26.51 6.80
C HIS B 47 -18.05 -26.29 5.52
N PRO B 48 -19.30 -26.78 5.47
CA PRO B 48 -20.08 -26.71 4.22
C PRO B 48 -20.18 -25.30 3.68
N VAL B 49 -20.17 -25.20 2.36
CA VAL B 49 -20.26 -23.91 1.68
C VAL B 49 -21.18 -24.06 0.47
N ASP B 50 -21.93 -23.01 0.18
CA ASP B 50 -22.80 -22.98 -0.99
C ASP B 50 -22.02 -22.39 -2.16
N PRO B 51 -21.85 -23.12 -3.26
CA PRO B 51 -21.15 -22.53 -4.41
C PRO B 51 -21.88 -21.33 -5.00
N ASN B 52 -23.17 -21.16 -4.74
CA ASN B 52 -23.90 -19.97 -5.17
C ASN B 52 -23.56 -18.84 -4.21
N ALA B 53 -22.72 -17.90 -4.68
CA ALA B 53 -22.44 -16.64 -4.01
C ALA B 53 -21.65 -16.79 -2.71
N GLU B 54 -22.01 -17.77 -1.86
CA GLU B 54 -21.46 -17.80 -0.51
C GLU B 54 -19.97 -18.11 -0.51
N LEU B 55 -19.53 -19.05 -1.36
CA LEU B 55 -18.10 -19.35 -1.47
C LEU B 55 -17.29 -18.11 -1.80
N ALA B 56 -17.70 -17.38 -2.84
CA ALA B 56 -17.00 -16.14 -3.19
C ALA B 56 -17.05 -15.16 -2.03
N GLY B 57 -18.18 -15.12 -1.31
CA GLY B 57 -18.30 -14.21 -0.18
C GLY B 57 -17.28 -14.50 0.90
N VAL B 58 -16.94 -15.77 1.09
CA VAL B 58 -15.99 -16.16 2.14
C VAL B 58 -14.57 -15.85 1.70
N TYR B 59 -14.21 -16.27 0.48
CA TYR B 59 -12.84 -16.03 0.02
C TYR B 59 -12.57 -14.56 -0.21
N ARG B 60 -13.61 -13.75 -0.40
CA ARG B 60 -13.43 -12.29 -0.44
C ARG B 60 -12.67 -11.80 0.79
N HIS B 61 -12.99 -12.36 1.96
CA HIS B 61 -12.35 -11.95 3.19
C HIS B 61 -11.00 -12.62 3.41
N ILE B 62 -10.73 -13.73 2.73
CA ILE B 62 -9.58 -14.57 3.04
C ILE B 62 -8.42 -14.36 2.09
N GLY B 63 -8.67 -14.28 0.78
CA GLY B 63 -7.57 -14.12 -0.15
C GLY B 63 -7.90 -13.62 -1.54
N ALA B 64 -9.07 -13.03 -1.75
CA ALA B 64 -9.43 -12.56 -3.08
C ALA B 64 -8.50 -11.45 -3.55
N GLY B 65 -8.32 -10.42 -2.73
CA GLY B 65 -7.36 -9.37 -3.01
C GLY B 65 -7.70 -8.55 -4.25
N GLY B 66 -6.67 -7.88 -4.78
CA GLY B 66 -6.83 -7.13 -6.01
C GLY B 66 -7.81 -5.98 -5.87
N THR B 67 -8.62 -5.78 -6.90
CA THR B 67 -9.57 -4.67 -6.93
C THR B 67 -10.87 -4.98 -6.19
N VAL B 68 -10.94 -6.09 -5.45
CA VAL B 68 -12.15 -6.45 -4.74
C VAL B 68 -12.45 -5.42 -3.66
N LYS B 69 -13.74 -5.09 -3.50
CA LYS B 69 -14.16 -4.12 -2.50
C LYS B 69 -13.74 -4.57 -1.10
N ARG B 70 -13.14 -3.65 -0.36
CA ARG B 70 -12.65 -3.98 0.98
C ARG B 70 -13.84 -4.22 1.92
N PRO B 71 -13.63 -5.02 3.00
CA PRO B 71 -12.37 -5.65 3.41
C PRO B 71 -11.96 -6.82 2.51
N THR B 72 -10.68 -6.89 2.21
CA THR B 72 -10.11 -8.02 1.47
C THR B 72 -8.61 -8.02 1.70
N ARG B 73 -7.97 -9.11 1.30
CA ARG B 73 -6.54 -9.28 1.46
C ARG B 73 -6.11 -10.39 0.51
N THR B 74 -4.80 -10.51 0.34
CA THR B 74 -4.25 -11.73 -0.21
C THR B 74 -3.98 -12.69 0.95
N GLY B 75 -4.05 -13.98 0.65
CA GLY B 75 -3.87 -14.98 1.67
C GLY B 75 -3.51 -16.32 1.09
N PRO B 76 -4.02 -17.38 1.70
CA PRO B 76 -3.75 -18.72 1.17
C PRO B 76 -4.69 -19.06 0.03
N ALA B 77 -4.19 -19.92 -0.87
CA ALA B 77 -5.11 -20.65 -1.73
C ALA B 77 -5.99 -21.53 -0.85
N MET B 78 -7.26 -21.67 -1.24
CA MET B 78 -8.26 -22.23 -0.36
C MET B 78 -9.07 -23.31 -1.07
N MET B 79 -9.19 -24.46 -0.41
CA MET B 79 -9.89 -25.64 -0.91
C MET B 79 -11.13 -25.88 -0.06
N PHE B 80 -12.32 -25.73 -0.65
CA PHE B 80 -13.58 -26.01 0.02
C PHE B 80 -13.94 -27.47 -0.26
N ASN B 81 -13.79 -28.33 0.76
CA ASN B 81 -13.96 -29.76 0.57
C ASN B 81 -15.39 -30.24 0.68
N SER B 82 -16.26 -29.51 1.37
CA SER B 82 -17.67 -29.87 1.49
C SER B 82 -18.51 -28.81 0.78
N VAL B 83 -18.98 -29.14 -0.40
CA VAL B 83 -19.74 -28.24 -1.25
C VAL B 83 -21.21 -28.61 -1.12
N LYS B 84 -22.03 -27.68 -0.62
CA LYS B 84 -23.45 -27.96 -0.42
C LYS B 84 -24.10 -28.36 -1.74
N GLY B 85 -24.74 -29.53 -1.73
CA GLY B 85 -25.36 -30.07 -2.92
C GLY B 85 -24.44 -30.87 -3.83
N TYR B 86 -23.15 -30.93 -3.51
CA TYR B 86 -22.17 -31.64 -4.35
C TYR B 86 -21.21 -32.42 -3.46
N PRO B 87 -21.68 -33.49 -2.82
CA PRO B 87 -20.77 -34.34 -2.06
C PRO B 87 -19.71 -34.94 -2.97
N GLY B 88 -18.50 -35.05 -2.45
CA GLY B 88 -17.39 -35.55 -3.23
C GLY B 88 -16.75 -34.55 -4.15
N SER B 89 -17.38 -33.40 -4.39
CA SER B 89 -16.72 -32.33 -5.11
C SER B 89 -15.87 -31.51 -4.13
N ARG B 90 -14.91 -30.78 -4.68
CA ARG B 90 -14.09 -29.89 -3.88
C ARG B 90 -13.60 -28.75 -4.78
N ILE B 91 -13.79 -27.52 -4.32
CA ILE B 91 -13.57 -26.33 -5.12
C ILE B 91 -12.32 -25.63 -4.61
N LEU B 92 -11.40 -25.32 -5.53
CA LEU B 92 -10.17 -24.62 -5.20
C LEU B 92 -10.21 -23.24 -5.84
N VAL B 93 -9.93 -22.21 -5.03
CA VAL B 93 -9.86 -20.83 -5.49
C VAL B 93 -8.61 -20.20 -4.93
N GLY B 94 -8.12 -19.16 -5.61
CA GLY B 94 -7.01 -18.38 -5.11
C GLY B 94 -5.64 -18.97 -5.37
N MET B 95 -5.52 -19.95 -6.26
CA MET B 95 -4.22 -20.57 -6.52
C MET B 95 -3.21 -19.55 -7.03
N HIS B 96 -3.65 -18.62 -7.89
CA HIS B 96 -2.77 -17.59 -8.42
C HIS B 96 -2.94 -16.25 -7.71
N ALA B 97 -3.70 -16.21 -6.61
CA ALA B 97 -4.08 -14.93 -6.00
C ALA B 97 -2.99 -14.32 -5.12
N SER B 98 -1.72 -14.47 -5.49
CA SER B 98 -0.60 -13.89 -4.75
C SER B 98 0.67 -13.94 -5.59
N ARG B 99 1.38 -12.80 -5.67
CA ARG B 99 2.59 -12.76 -6.46
C ARG B 99 3.67 -13.64 -5.84
N GLU B 100 3.76 -13.65 -4.51
CA GLU B 100 4.71 -14.55 -3.85
C GLU B 100 4.37 -16.01 -4.12
N ARG B 101 3.09 -16.35 -4.10
CA ARG B 101 2.73 -17.74 -4.35
C ARG B 101 3.04 -18.13 -5.79
N ALA B 102 2.73 -17.24 -6.74
CA ALA B 102 3.09 -17.49 -8.13
C ALA B 102 4.59 -17.68 -8.28
N ALA B 103 5.37 -16.89 -7.55
CA ALA B 103 6.82 -17.04 -7.58
C ALA B 103 7.26 -18.37 -6.99
N LEU B 104 6.63 -18.79 -5.89
CA LEU B 104 6.92 -20.11 -5.33
C LEU B 104 6.60 -21.22 -6.32
N LEU B 105 5.45 -21.12 -7.00
CA LEU B 105 5.04 -22.18 -7.92
C LEU B 105 5.92 -22.23 -9.16
N LEU B 106 6.48 -21.10 -9.58
CA LEU B 106 7.34 -21.06 -10.76
C LEU B 106 8.82 -21.21 -10.42
N GLY B 107 9.22 -21.01 -9.18
CA GLY B 107 10.59 -21.28 -8.77
C GLY B 107 11.55 -20.11 -8.87
N CYS B 108 11.05 -18.89 -8.77
N CYS B 108 11.07 -18.88 -8.77
N CYS B 108 11.06 -18.88 -8.79
CA CYS B 108 11.85 -17.68 -8.82
CA CYS B 108 11.92 -17.71 -8.76
CA CYS B 108 11.88 -17.69 -8.81
C CYS B 108 11.45 -16.76 -7.68
C CYS B 108 11.47 -16.77 -7.66
C CYS B 108 11.47 -16.78 -7.65
N VAL B 109 12.16 -15.64 -7.53
CA VAL B 109 11.81 -14.65 -6.53
C VAL B 109 10.79 -13.71 -7.16
N PRO B 110 9.82 -13.19 -6.39
CA PRO B 110 8.73 -12.41 -7.01
C PRO B 110 9.20 -11.18 -7.76
N SER B 111 10.29 -10.55 -7.34
CA SER B 111 10.78 -9.37 -8.03
C SER B 111 11.31 -9.67 -9.44
N LYS B 112 11.60 -10.94 -9.74
CA LYS B 112 12.17 -11.32 -11.02
C LYS B 112 11.19 -12.11 -11.88
N LEU B 113 9.89 -12.06 -11.56
CA LEU B 113 8.90 -12.72 -12.41
C LEU B 113 8.80 -12.04 -13.76
N ALA B 114 8.89 -10.70 -13.80
CA ALA B 114 8.84 -9.99 -15.08
C ALA B 114 9.94 -10.49 -16.02
N GLN B 115 11.14 -10.69 -15.48
CA GLN B 115 12.25 -11.19 -16.27
C GLN B 115 12.15 -12.70 -16.51
N HIS B 116 11.73 -13.46 -15.49
CA HIS B 116 11.61 -14.90 -15.64
C HIS B 116 10.54 -15.28 -16.65
N VAL B 117 9.40 -14.60 -16.60
CA VAL B 117 8.35 -14.84 -17.60
C VAL B 117 8.73 -14.21 -18.93
N GLY B 118 9.44 -13.08 -18.89
CA GLY B 118 9.86 -12.44 -20.12
C GLY B 118 10.73 -13.33 -20.98
N GLN B 119 11.68 -14.02 -20.37
CA GLN B 119 12.52 -14.95 -21.11
C GLN B 119 11.75 -16.21 -21.52
N ALA B 120 10.63 -16.50 -20.88
CA ALA B 120 9.87 -17.70 -21.24
C ALA B 120 9.12 -17.50 -22.56
N VAL B 121 8.41 -16.37 -22.68
CA VAL B 121 7.60 -16.13 -23.87
C VAL B 121 8.48 -16.07 -25.13
N LYS B 122 9.74 -15.67 -24.98
CA LYS B 122 10.63 -15.57 -26.12
C LYS B 122 11.38 -16.86 -26.41
N ASN B 123 11.19 -17.91 -25.61
CA ASN B 123 11.74 -19.24 -25.89
C ASN B 123 10.70 -20.30 -25.58
N PRO B 124 9.60 -20.35 -26.34
CA PRO B 124 8.58 -21.35 -26.07
C PRO B 124 9.03 -22.75 -26.45
N VAL B 125 8.43 -23.75 -25.80
CA VAL B 125 8.69 -25.16 -26.05
C VAL B 125 7.36 -25.83 -26.38
N ALA B 126 7.23 -26.34 -27.61
CA ALA B 126 5.95 -26.80 -28.11
C ALA B 126 5.43 -28.00 -27.32
N PRO B 127 4.10 -28.14 -27.20
CA PRO B 127 3.53 -29.28 -26.47
C PRO B 127 3.65 -30.57 -27.25
N VAL B 128 3.36 -31.68 -26.56
CA VAL B 128 3.57 -33.02 -27.08
C VAL B 128 2.35 -33.88 -26.77
N VAL B 129 1.90 -34.66 -27.77
CA VAL B 129 0.72 -35.51 -27.65
C VAL B 129 1.09 -36.80 -26.92
N VAL B 130 0.13 -37.33 -26.16
CA VAL B 130 0.34 -38.48 -25.28
C VAL B 130 -0.82 -39.45 -25.43
N PRO B 131 -0.61 -40.77 -25.33
CA PRO B 131 -1.74 -41.70 -25.35
C PRO B 131 -2.62 -41.58 -24.12
N ALA B 132 -3.83 -42.11 -24.25
CA ALA B 132 -4.87 -41.92 -23.24
C ALA B 132 -4.56 -42.65 -21.93
N SER B 133 -3.67 -43.65 -21.96
CA SER B 133 -3.35 -44.37 -20.73
C SER B 133 -2.51 -43.54 -19.77
N GLN B 134 -1.90 -42.46 -20.26
CA GLN B 134 -1.11 -41.57 -19.41
C GLN B 134 -1.82 -40.24 -19.16
N ALA B 135 -3.15 -40.23 -19.27
CA ALA B 135 -3.94 -39.00 -19.12
C ALA B 135 -4.84 -39.13 -17.90
N PRO B 136 -4.40 -38.62 -16.74
CA PRO B 136 -5.25 -38.67 -15.54
C PRO B 136 -6.57 -37.95 -15.71
N CYS B 137 -6.68 -37.02 -16.66
CA CYS B 137 -7.94 -36.30 -16.83
C CYS B 137 -9.08 -37.24 -17.23
N GLN B 138 -8.78 -38.33 -17.93
CA GLN B 138 -9.81 -39.23 -18.45
C GLN B 138 -10.06 -40.44 -17.55
N GLU B 139 -9.79 -40.32 -16.24
CA GLU B 139 -10.07 -41.43 -15.32
C GLU B 139 -11.57 -41.66 -15.18
N GLN B 140 -12.39 -40.62 -15.35
CA GLN B 140 -13.83 -40.75 -15.42
C GLN B 140 -14.33 -40.04 -16.67
N VAL B 141 -15.30 -40.65 -17.36
CA VAL B 141 -15.90 -40.07 -18.56
C VAL B 141 -17.41 -40.10 -18.40
N PHE B 142 -18.05 -38.94 -18.63
CA PHE B 142 -19.50 -38.80 -18.61
C PHE B 142 -19.92 -38.26 -19.98
N TYR B 143 -20.42 -39.13 -20.86
CA TYR B 143 -20.87 -38.68 -22.17
C TYR B 143 -22.20 -37.95 -22.03
N ALA B 144 -22.34 -36.86 -22.80
CA ALA B 144 -23.55 -36.05 -22.72
C ALA B 144 -24.74 -36.69 -23.42
N ASP B 145 -24.51 -37.68 -24.29
CA ASP B 145 -25.62 -38.38 -24.91
C ASP B 145 -26.32 -39.34 -23.95
N ASP B 146 -25.89 -39.38 -22.69
CA ASP B 146 -26.61 -40.12 -21.67
C ASP B 146 -27.89 -39.36 -21.32
N PRO B 147 -29.03 -40.04 -21.18
CA PRO B 147 -30.28 -39.31 -20.93
C PRO B 147 -30.31 -38.56 -19.62
N ASP B 148 -29.57 -39.01 -18.60
CA ASP B 148 -29.57 -38.36 -17.29
C ASP B 148 -28.42 -37.38 -17.11
N PHE B 149 -27.55 -37.23 -18.10
CA PHE B 149 -26.45 -36.29 -17.99
C PHE B 149 -26.97 -34.87 -17.81
N ASP B 150 -26.41 -34.18 -16.82
CA ASP B 150 -26.76 -32.80 -16.51
C ASP B 150 -25.51 -32.12 -15.99
N LEU B 151 -24.95 -31.23 -16.80
CA LEU B 151 -23.75 -30.50 -16.39
C LEU B 151 -23.99 -29.75 -15.09
N ARG B 152 -25.19 -29.21 -14.89
CA ARG B 152 -25.46 -28.41 -13.70
C ARG B 152 -25.45 -29.23 -12.42
N LYS B 153 -25.83 -30.52 -12.47
CA LYS B 153 -25.69 -31.39 -11.29
C LYS B 153 -24.35 -32.08 -11.22
N LEU B 154 -23.55 -32.04 -12.28
CA LEU B 154 -22.32 -32.82 -12.33
C LEU B 154 -21.13 -32.06 -11.75
N LEU B 155 -21.04 -30.76 -11.99
CA LEU B 155 -19.97 -29.94 -11.42
C LEU B 155 -20.55 -28.68 -10.80
N PRO B 156 -20.05 -28.28 -9.62
CA PRO B 156 -20.57 -27.08 -8.96
C PRO B 156 -19.92 -25.81 -9.48
N ALA B 157 -20.44 -25.23 -10.56
CA ALA B 157 -19.91 -23.98 -11.09
C ALA B 157 -20.32 -22.82 -10.19
N PRO B 158 -19.41 -22.25 -9.41
CA PRO B 158 -19.80 -21.22 -8.45
C PRO B 158 -20.08 -19.89 -9.12
N THR B 159 -20.87 -19.07 -8.42
CA THR B 159 -21.15 -17.70 -8.81
C THR B 159 -20.38 -16.76 -7.89
N ASN B 160 -20.00 -15.60 -8.43
CA ASN B 160 -19.26 -14.64 -7.63
C ASN B 160 -20.16 -13.72 -6.81
N THR B 161 -21.18 -13.14 -7.44
CA THR B 161 -22.12 -12.25 -6.77
C THR B 161 -23.54 -12.77 -6.92
N PRO B 162 -24.45 -12.37 -6.04
CA PRO B 162 -25.86 -12.76 -6.21
C PRO B 162 -26.49 -12.25 -7.50
N ILE B 163 -25.86 -11.32 -8.20
CA ILE B 163 -26.46 -10.76 -9.41
C ILE B 163 -25.70 -11.21 -10.65
N ASP B 164 -25.03 -12.35 -10.56
CA ASP B 164 -24.36 -12.92 -11.72
C ASP B 164 -25.37 -13.47 -12.72
N ALA B 165 -24.94 -13.54 -13.99
CA ALA B 165 -25.80 -14.09 -15.04
C ALA B 165 -26.14 -15.55 -14.80
N GLY B 166 -25.36 -16.25 -13.99
CA GLY B 166 -25.59 -17.65 -13.70
C GLY B 166 -24.32 -18.29 -13.18
N PRO B 167 -24.33 -19.62 -13.04
CA PRO B 167 -23.10 -20.32 -12.61
C PRO B 167 -22.01 -20.16 -13.65
N PHE B 168 -20.78 -19.96 -13.18
CA PHE B 168 -19.66 -19.66 -14.05
C PHE B 168 -18.48 -20.59 -13.79
N PHE B 169 -17.78 -20.91 -14.87
CA PHE B 169 -16.42 -21.43 -14.83
C PHE B 169 -15.48 -20.30 -15.23
N CYS B 170 -14.59 -19.90 -14.32
CA CYS B 170 -13.75 -18.72 -14.52
C CYS B 170 -12.29 -19.04 -14.79
N LEU B 171 -11.87 -20.30 -14.64
CA LEU B 171 -10.54 -20.72 -15.05
C LEU B 171 -10.65 -21.82 -16.09
N GLY B 172 -11.60 -21.64 -17.01
CA GLY B 172 -11.72 -22.53 -18.15
C GLY B 172 -10.78 -22.13 -19.25
N LEU B 173 -9.68 -22.87 -19.41
CA LEU B 173 -8.74 -22.63 -20.48
C LEU B 173 -9.24 -23.33 -21.74
N VAL B 174 -9.74 -22.57 -22.68
CA VAL B 174 -10.36 -23.12 -23.88
C VAL B 174 -9.29 -23.32 -24.95
N LEU B 175 -9.34 -24.47 -25.61
CA LEU B 175 -8.34 -24.89 -26.59
C LEU B 175 -9.03 -25.14 -27.92
N ALA B 176 -8.76 -24.30 -28.91
CA ALA B 176 -9.33 -24.42 -30.24
C ALA B 176 -8.23 -24.26 -31.28
N SER B 177 -8.59 -24.45 -32.55
CA SER B 177 -7.62 -24.37 -33.63
C SER B 177 -8.28 -23.80 -34.87
N ASP B 178 -7.43 -23.36 -35.81
CA ASP B 178 -7.90 -22.86 -37.09
C ASP B 178 -8.53 -24.00 -37.88
N PRO B 179 -9.80 -23.91 -38.26
CA PRO B 179 -10.43 -25.01 -39.01
C PRO B 179 -9.86 -25.21 -40.40
N GLU B 180 -9.12 -24.25 -40.94
CA GLU B 180 -8.47 -24.41 -42.24
C GLU B 180 -7.03 -24.86 -42.11
N ASP B 181 -6.36 -24.52 -41.02
CA ASP B 181 -5.00 -24.96 -40.75
C ASP B 181 -5.01 -25.60 -39.37
N THR B 182 -5.06 -26.94 -39.33
CA THR B 182 -5.06 -27.64 -38.06
C THR B 182 -3.80 -27.33 -37.24
N SER B 183 -2.71 -27.00 -37.91
CA SER B 183 -1.42 -26.75 -37.26
C SER B 183 -1.48 -25.58 -36.28
N LEU B 184 -2.39 -24.64 -36.44
CA LEU B 184 -2.41 -23.42 -35.63
C LEU B 184 -3.48 -23.57 -34.55
N THR B 185 -3.04 -23.58 -33.30
CA THR B 185 -3.89 -23.80 -32.13
C THR B 185 -3.68 -22.66 -31.14
N ASP B 186 -4.78 -22.20 -30.55
CA ASP B 186 -4.74 -21.11 -29.59
C ASP B 186 -5.49 -21.53 -28.33
N VAL B 187 -4.98 -21.09 -27.18
CA VAL B 187 -5.58 -21.41 -25.90
C VAL B 187 -5.83 -20.12 -25.14
N THR B 188 -7.03 -19.98 -24.61
CA THR B 188 -7.39 -18.74 -23.96
C THR B 188 -8.38 -19.00 -22.84
N ILE B 189 -8.25 -18.26 -21.76
CA ILE B 189 -9.22 -18.29 -20.68
C ILE B 189 -10.40 -17.41 -21.07
N HIS B 190 -11.60 -18.00 -21.05
CA HIS B 190 -12.84 -17.28 -21.28
C HIS B 190 -13.84 -17.63 -20.20
N ARG B 191 -14.62 -16.64 -19.77
CA ARG B 191 -15.67 -16.92 -18.80
C ARG B 191 -16.79 -17.72 -19.46
N LEU B 192 -17.21 -18.79 -18.79
CA LEU B 192 -18.18 -19.73 -19.32
C LEU B 192 -19.36 -19.84 -18.37
N CYS B 193 -20.56 -19.52 -18.86
CA CYS B 193 -21.76 -19.53 -18.05
C CYS B 193 -22.56 -20.80 -18.38
N VAL B 194 -22.78 -21.63 -17.37
CA VAL B 194 -23.62 -22.82 -17.55
C VAL B 194 -25.05 -22.36 -17.81
N GLN B 195 -25.58 -22.71 -18.99
CA GLN B 195 -26.89 -22.28 -19.41
C GLN B 195 -27.93 -23.38 -19.44
N GLU B 196 -27.56 -24.59 -19.87
CA GLU B 196 -28.49 -25.71 -19.93
C GLU B 196 -27.78 -26.95 -19.41
N ARG B 197 -28.46 -28.10 -19.50
CA ARG B 197 -27.87 -29.35 -19.04
C ARG B 197 -26.66 -29.75 -19.87
N ASP B 198 -26.58 -29.28 -21.12
CA ASP B 198 -25.46 -29.61 -22.00
C ASP B 198 -24.98 -28.40 -22.77
N GLU B 199 -25.12 -27.20 -22.20
CA GLU B 199 -24.77 -25.99 -22.93
C GLU B 199 -24.11 -24.97 -22.01
N LEU B 200 -23.13 -24.26 -22.57
CA LEU B 200 -22.52 -23.10 -21.93
C LEU B 200 -22.44 -21.96 -22.93
N SER B 201 -22.60 -20.75 -22.43
CA SER B 201 -22.30 -19.57 -23.24
C SER B 201 -20.85 -19.15 -23.02
N MET B 202 -20.29 -18.46 -24.02
CA MET B 202 -18.90 -18.03 -23.97
C MET B 202 -18.77 -16.65 -24.59
N PHE B 203 -18.14 -15.73 -23.86
CA PHE B 203 -17.93 -14.37 -24.32
C PHE B 203 -16.55 -14.24 -24.94
N LEU B 204 -16.48 -13.68 -26.14
CA LEU B 204 -15.22 -13.37 -26.80
C LEU B 204 -15.23 -11.89 -27.17
N ALA B 205 -14.26 -11.15 -26.66
CA ALA B 205 -14.12 -9.75 -27.03
C ALA B 205 -13.71 -9.63 -28.49
N ALA B 206 -13.84 -8.42 -29.03
CA ALA B 206 -13.53 -8.18 -30.43
C ALA B 206 -12.06 -8.46 -30.70
N GLY B 207 -11.79 -9.15 -31.81
CA GLY B 207 -10.43 -9.46 -32.19
C GLY B 207 -9.74 -10.52 -31.36
N ARG B 208 -10.48 -11.26 -30.53
CA ARG B 208 -9.88 -12.37 -29.82
C ARG B 208 -9.40 -13.42 -30.82
N HIS B 209 -8.30 -14.10 -30.47
CA HIS B 209 -7.65 -14.97 -31.44
C HIS B 209 -8.48 -16.21 -31.74
N ILE B 210 -9.15 -16.77 -30.73
CA ILE B 210 -10.03 -17.90 -30.98
C ILE B 210 -11.26 -17.47 -31.78
N GLU B 211 -11.71 -16.23 -31.58
CA GLU B 211 -12.82 -15.71 -32.36
C GLU B 211 -12.54 -15.76 -33.85
N VAL B 212 -11.28 -15.61 -34.23
CA VAL B 212 -10.90 -15.73 -35.64
C VAL B 212 -11.17 -17.14 -36.15
N PHE B 213 -11.02 -18.15 -35.30
CA PHE B 213 -11.30 -19.52 -35.70
C PHE B 213 -12.80 -19.79 -35.77
N ARG B 214 -13.54 -19.32 -34.77
CA ARG B 214 -14.98 -19.53 -34.73
C ARG B 214 -15.67 -18.84 -35.91
N LYS B 215 -15.26 -17.60 -36.21
CA LYS B 215 -15.86 -16.87 -37.33
C LYS B 215 -15.60 -17.56 -38.66
N LYS B 216 -14.42 -18.18 -38.83
CA LYS B 216 -14.18 -18.98 -40.03
C LYS B 216 -15.07 -20.22 -40.03
N ALA B 217 -15.25 -20.84 -38.86
CA ALA B 217 -16.13 -22.00 -38.78
C ALA B 217 -17.59 -21.59 -39.02
N GLU B 218 -18.04 -20.52 -38.36
CA GLU B 218 -19.43 -20.10 -38.50
C GLU B 218 -19.73 -19.68 -39.92
N ALA B 219 -18.79 -18.98 -40.58
CA ALA B 219 -19.00 -18.55 -41.96
C ALA B 219 -19.13 -19.72 -42.93
N ALA B 220 -18.59 -20.89 -42.60
CA ALA B 220 -18.81 -22.07 -43.42
C ALA B 220 -19.94 -22.94 -42.89
N GLY B 221 -20.72 -22.44 -41.92
CA GLY B 221 -21.81 -23.22 -41.37
C GLY B 221 -21.36 -24.50 -40.70
N LYS B 222 -20.17 -24.49 -40.09
CA LYS B 222 -19.64 -25.65 -39.39
C LYS B 222 -19.41 -25.31 -37.93
N PRO B 223 -19.59 -26.27 -37.03
CA PRO B 223 -19.21 -26.06 -35.65
C PRO B 223 -17.70 -26.17 -35.47
N LEU B 224 -17.19 -25.50 -34.44
CA LEU B 224 -15.77 -25.55 -34.15
C LEU B 224 -15.53 -26.38 -32.90
N PRO B 225 -14.85 -27.52 -33.00
CA PRO B 225 -14.63 -28.33 -31.80
C PRO B 225 -13.66 -27.67 -30.83
N VAL B 226 -14.00 -27.71 -29.55
CA VAL B 226 -13.19 -27.10 -28.50
C VAL B 226 -13.13 -28.04 -27.31
N THR B 227 -12.10 -27.82 -26.49
CA THR B 227 -11.98 -28.47 -25.19
C THR B 227 -11.74 -27.40 -24.14
N ILE B 228 -12.40 -27.54 -22.99
CA ILE B 228 -12.22 -26.64 -21.86
C ILE B 228 -11.46 -27.41 -20.78
N ASN B 229 -10.32 -26.86 -20.37
CA ASN B 229 -9.39 -27.54 -19.46
C ASN B 229 -9.32 -26.75 -18.17
N MET B 230 -9.67 -27.40 -17.06
CA MET B 230 -9.81 -26.72 -15.77
C MET B 230 -9.05 -27.49 -14.70
N GLY B 231 -8.33 -26.77 -13.84
CA GLY B 231 -7.52 -27.41 -12.81
C GLY B 231 -6.17 -27.83 -13.35
N LEU B 232 -5.27 -26.86 -13.51
CA LEU B 232 -4.03 -27.06 -14.25
C LEU B 232 -2.83 -26.64 -13.41
N ASP B 233 -1.66 -27.07 -13.87
CA ASP B 233 -0.41 -26.48 -13.43
C ASP B 233 -0.51 -24.96 -13.55
N PRO B 234 -0.20 -24.21 -12.49
CA PRO B 234 -0.20 -22.74 -12.60
C PRO B 234 0.62 -22.23 -13.78
N ALA B 235 1.69 -22.94 -14.17
CA ALA B 235 2.50 -22.49 -15.30
C ALA B 235 1.67 -22.40 -16.58
N ILE B 236 0.68 -23.28 -16.74
CA ILE B 236 -0.11 -23.29 -17.97
C ILE B 236 -1.03 -22.07 -18.01
N TYR B 237 -1.75 -21.81 -16.92
CA TYR B 237 -2.66 -20.66 -16.89
C TYR B 237 -1.91 -19.35 -17.10
N ILE B 238 -0.76 -19.18 -16.44
CA ILE B 238 -0.03 -17.91 -16.51
C ILE B 238 0.50 -17.68 -17.92
N GLY B 239 1.17 -18.68 -18.50
CA GLY B 239 1.74 -18.52 -19.82
C GLY B 239 0.73 -18.28 -20.92
N ALA B 240 -0.55 -18.56 -20.66
CA ALA B 240 -1.57 -18.46 -21.68
C ALA B 240 -2.13 -17.05 -21.84
N CYS B 241 -1.87 -16.17 -20.88
CA CYS B 241 -2.53 -14.87 -20.82
C CYS B 241 -1.76 -13.76 -21.51
N PHE B 242 -0.95 -14.08 -22.52
CA PHE B 242 -0.29 -13.04 -23.29
C PHE B 242 -1.21 -12.53 -24.40
N GLU B 243 -0.86 -11.35 -24.92
CA GLU B 243 -1.59 -10.72 -26.01
C GLU B 243 -0.63 -10.24 -27.08
N ALA B 244 -1.19 -9.93 -28.24
CA ALA B 244 -0.41 -9.30 -29.29
C ALA B 244 0.03 -7.91 -28.84
N PRO B 245 1.18 -7.41 -29.34
CA PRO B 245 2.08 -8.04 -30.32
C PRO B 245 3.11 -8.98 -29.72
N THR B 246 2.98 -9.29 -28.43
CA THR B 246 3.97 -10.16 -27.78
C THR B 246 3.78 -11.61 -28.20
N THR B 247 2.55 -12.12 -28.13
CA THR B 247 2.18 -13.40 -28.71
C THR B 247 1.15 -13.13 -29.79
N PRO B 248 1.57 -12.89 -31.03
CA PRO B 248 0.61 -12.53 -32.09
C PRO B 248 -0.31 -13.68 -32.47
N PHE B 249 -1.07 -13.48 -33.54
CA PHE B 249 -1.94 -14.53 -34.04
C PHE B 249 -1.11 -15.65 -34.66
N GLY B 250 -1.37 -16.88 -34.24
CA GLY B 250 -0.62 -18.04 -34.68
C GLY B 250 0.38 -18.56 -33.67
N TYR B 251 0.49 -17.91 -32.51
CA TYR B 251 1.42 -18.31 -31.46
C TYR B 251 0.66 -19.18 -30.46
N ASN B 252 0.97 -20.47 -30.46
CA ASN B 252 0.41 -21.35 -29.43
C ASN B 252 0.95 -20.91 -28.07
N GLU B 253 0.05 -20.42 -27.21
CA GLU B 253 0.47 -19.94 -25.89
C GLU B 253 0.93 -21.07 -24.99
N LEU B 254 0.45 -22.29 -25.25
CA LEU B 254 1.11 -23.48 -24.73
C LEU B 254 2.57 -23.43 -25.15
N GLY B 255 3.49 -23.70 -24.23
CA GLY B 255 4.90 -23.59 -24.52
C GLY B 255 5.57 -22.45 -23.80
N VAL B 256 4.86 -21.33 -23.60
CA VAL B 256 5.25 -20.43 -22.52
C VAL B 256 5.25 -21.21 -21.22
N ALA B 257 4.19 -21.98 -20.98
CA ALA B 257 4.21 -22.98 -19.92
C ALA B 257 5.32 -23.98 -20.13
N GLY B 258 5.50 -24.44 -21.37
CA GLY B 258 6.58 -25.36 -21.66
C GLY B 258 7.95 -24.78 -21.37
N ALA B 259 8.09 -23.46 -21.49
CA ALA B 259 9.35 -22.80 -21.14
C ALA B 259 9.49 -22.58 -19.65
N LEU B 260 8.38 -22.34 -18.94
CA LEU B 260 8.43 -22.16 -17.50
C LEU B 260 8.81 -23.44 -16.78
N ARG B 261 8.38 -24.59 -17.30
CA ARG B 261 8.67 -25.89 -16.71
C ARG B 261 9.86 -26.57 -17.37
N GLN B 262 10.40 -26.01 -18.44
CA GLN B 262 11.35 -26.70 -19.31
C GLN B 262 10.84 -28.11 -19.62
N GLN B 263 9.58 -28.17 -20.03
CA GLN B 263 8.88 -29.42 -20.23
C GLN B 263 7.66 -29.19 -21.11
N PRO B 264 7.58 -29.85 -22.26
CA PRO B 264 6.36 -29.75 -23.07
C PRO B 264 5.17 -30.26 -22.27
N VAL B 265 4.13 -29.42 -22.15
CA VAL B 265 2.89 -29.87 -21.54
C VAL B 265 2.33 -31.01 -22.37
N GLU B 266 1.60 -31.90 -21.72
CA GLU B 266 1.15 -33.13 -22.36
C GLU B 266 -0.29 -33.00 -22.81
N LEU B 267 -0.58 -33.49 -24.03
CA LEU B 267 -1.91 -33.39 -24.59
C LEU B 267 -2.54 -34.77 -24.73
N VAL B 268 -3.87 -34.80 -24.68
CA VAL B 268 -4.63 -36.01 -24.91
C VAL B 268 -5.63 -35.76 -26.03
N GLN B 269 -5.91 -36.81 -26.80
CA GLN B 269 -6.92 -36.69 -27.83
C GLN B 269 -8.29 -36.82 -27.21
N GLY B 270 -9.17 -35.87 -27.56
CA GLY B 270 -10.47 -35.80 -26.94
C GLY B 270 -11.27 -37.07 -27.15
N VAL B 271 -12.06 -37.41 -26.13
CA VAL B 271 -12.86 -38.64 -26.15
C VAL B 271 -14.14 -38.50 -26.96
N ALA B 272 -14.48 -37.29 -27.40
CA ALA B 272 -15.78 -37.09 -28.05
C ALA B 272 -15.76 -36.00 -29.11
N VAL B 273 -14.67 -35.23 -29.18
CA VAL B 273 -14.54 -34.18 -30.19
C VAL B 273 -13.20 -34.33 -30.89
N LYS B 274 -13.12 -33.76 -32.09
CA LYS B 274 -11.89 -33.77 -32.89
C LYS B 274 -11.00 -32.62 -32.42
N GLU B 275 -10.53 -32.75 -31.19
CA GLU B 275 -9.69 -31.74 -30.57
C GLU B 275 -8.95 -32.38 -29.40
N LYS B 276 -7.85 -31.75 -29.01
CA LYS B 276 -6.98 -32.27 -27.97
C LYS B 276 -7.28 -31.61 -26.63
N ALA B 277 -7.02 -32.34 -25.55
CA ALA B 277 -7.19 -31.82 -24.21
C ALA B 277 -5.90 -32.03 -23.43
N ILE B 278 -5.73 -31.23 -22.38
CA ILE B 278 -4.52 -31.29 -21.57
C ILE B 278 -4.58 -32.53 -20.68
N ALA B 279 -3.62 -33.44 -20.85
CA ALA B 279 -3.75 -34.78 -20.28
C ALA B 279 -3.82 -34.76 -18.76
N ARG B 280 -3.08 -33.87 -18.12
CA ARG B 280 -2.95 -33.88 -16.67
C ARG B 280 -3.94 -32.93 -15.98
N ALA B 281 -4.92 -32.40 -16.71
CA ALA B 281 -5.92 -31.52 -16.13
C ALA B 281 -6.79 -32.28 -15.12
N GLU B 282 -7.53 -31.50 -14.32
CA GLU B 282 -8.46 -32.10 -13.37
C GLU B 282 -9.79 -32.44 -14.01
N ILE B 283 -10.36 -31.49 -14.77
CA ILE B 283 -11.66 -31.65 -15.39
C ILE B 283 -11.57 -31.15 -16.83
N ILE B 284 -12.14 -31.92 -17.76
CA ILE B 284 -12.24 -31.53 -19.17
C ILE B 284 -13.70 -31.47 -19.55
N ILE B 285 -14.07 -30.43 -20.30
CA ILE B 285 -15.38 -30.33 -20.93
C ILE B 285 -15.16 -30.29 -22.43
N GLU B 286 -15.65 -31.31 -23.13
CA GLU B 286 -15.53 -31.38 -24.59
C GLU B 286 -16.82 -30.90 -25.23
N GLY B 287 -16.67 -30.04 -26.24
CA GLY B 287 -17.85 -29.50 -26.90
C GLY B 287 -17.50 -28.89 -28.24
N GLU B 288 -18.51 -28.24 -28.82
CA GLU B 288 -18.40 -27.58 -30.10
C GLU B 288 -19.11 -26.24 -30.04
N LEU B 289 -18.49 -25.20 -30.59
CA LEU B 289 -19.16 -23.92 -30.77
C LEU B 289 -20.15 -24.04 -31.93
N LEU B 290 -21.42 -23.75 -31.67
CA LEU B 290 -22.44 -24.03 -32.69
C LEU B 290 -22.61 -22.86 -33.64
N PRO B 291 -22.73 -23.12 -34.95
CA PRO B 291 -22.91 -22.03 -35.91
C PRO B 291 -24.30 -21.44 -35.87
N GLY B 292 -24.37 -20.11 -35.96
CA GLY B 292 -25.63 -19.39 -36.05
C GLY B 292 -26.37 -19.18 -34.76
N VAL B 293 -26.03 -19.91 -33.70
CA VAL B 293 -26.76 -19.85 -32.44
C VAL B 293 -26.19 -18.74 -31.56
N ARG B 294 -27.08 -17.99 -30.92
CA ARG B 294 -26.71 -16.98 -29.94
C ARG B 294 -27.71 -16.99 -28.79
N VAL B 295 -27.22 -16.72 -27.58
CA VAL B 295 -28.06 -16.65 -26.39
C VAL B 295 -27.72 -15.39 -25.60
N ARG B 296 -28.71 -14.92 -24.85
CA ARG B 296 -28.51 -13.83 -23.91
C ARG B 296 -27.90 -14.38 -22.63
N GLU B 297 -26.78 -13.80 -22.20
CA GLU B 297 -25.97 -14.42 -21.15
C GLU B 297 -26.75 -14.60 -19.85
N ASP B 298 -27.64 -13.66 -19.51
CA ASP B 298 -28.43 -13.75 -18.28
C ASP B 298 -29.85 -14.22 -18.53
N GLN B 299 -30.05 -15.09 -19.53
CA GLN B 299 -31.40 -15.46 -19.95
C GLN B 299 -32.20 -16.11 -18.84
N HIS B 300 -31.53 -16.80 -17.92
CA HIS B 300 -32.21 -17.49 -16.82
C HIS B 300 -32.25 -16.66 -15.54
N THR B 301 -31.50 -15.57 -15.47
CA THR B 301 -31.43 -14.72 -14.29
C THR B 301 -32.09 -13.37 -14.47
N ASN B 302 -31.93 -12.74 -15.64
CA ASN B 302 -32.44 -11.39 -15.91
C ASN B 302 -31.92 -10.39 -14.89
N THR B 303 -30.71 -10.63 -14.38
CA THR B 303 -30.05 -9.68 -13.50
C THR B 303 -29.50 -8.47 -14.26
N GLY B 304 -29.26 -8.62 -15.56
CA GLY B 304 -28.60 -7.59 -16.34
C GLY B 304 -27.10 -7.58 -16.26
N HIS B 305 -26.50 -8.49 -15.48
CA HIS B 305 -25.06 -8.51 -15.27
C HIS B 305 -24.49 -9.86 -15.64
N ALA B 306 -23.24 -9.85 -16.12
CA ALA B 306 -22.50 -11.09 -16.36
C ALA B 306 -21.85 -11.54 -15.06
N MET B 307 -20.67 -11.03 -14.76
CA MET B 307 -19.99 -11.30 -13.50
C MET B 307 -19.01 -10.15 -13.23
N PRO B 308 -18.34 -10.10 -12.08
CA PRO B 308 -17.38 -9.02 -11.84
C PRO B 308 -16.23 -9.05 -12.83
N GLU B 309 -15.84 -7.87 -13.29
CA GLU B 309 -14.71 -7.68 -14.19
C GLU B 309 -13.48 -7.28 -13.40
N PHE B 310 -12.33 -7.34 -14.05
CA PHE B 310 -11.08 -7.09 -13.35
C PHE B 310 -10.89 -5.67 -12.81
N PRO B 311 -11.48 -4.61 -13.39
CA PRO B 311 -11.36 -3.30 -12.73
C PRO B 311 -12.13 -3.17 -11.41
N GLY B 312 -12.93 -4.15 -11.04
CA GLY B 312 -13.65 -4.12 -9.78
C GLY B 312 -15.13 -3.80 -9.87
N TYR B 313 -15.69 -3.73 -11.07
CA TYR B 313 -17.09 -3.39 -11.26
C TYR B 313 -17.82 -4.58 -11.90
N CYS B 314 -19.15 -4.48 -11.91
CA CYS B 314 -19.97 -5.53 -12.49
C CYS B 314 -20.06 -5.35 -14.00
N GLY B 315 -19.63 -6.36 -14.75
CA GLY B 315 -19.88 -6.36 -16.19
C GLY B 315 -21.35 -6.58 -16.49
N GLU B 316 -21.80 -6.01 -17.61
CA GLU B 316 -23.19 -6.19 -18.00
C GLU B 316 -23.34 -7.48 -18.79
N ALA B 317 -24.54 -8.04 -18.73
CA ALA B 317 -24.81 -9.32 -19.39
C ALA B 317 -24.74 -9.14 -20.90
N ASN B 318 -23.94 -9.98 -21.55
CA ASN B 318 -23.80 -9.88 -22.99
C ASN B 318 -25.07 -10.37 -23.67
N PRO B 319 -25.67 -9.57 -24.57
CA PRO B 319 -26.96 -9.95 -25.13
C PRO B 319 -26.89 -11.03 -26.19
N SER B 320 -25.72 -11.31 -26.77
CA SER B 320 -25.62 -12.27 -27.87
C SER B 320 -24.28 -12.99 -27.75
N LEU B 321 -24.32 -14.22 -27.24
CA LEU B 321 -23.12 -15.02 -27.03
C LEU B 321 -23.20 -16.34 -27.79
N PRO B 322 -22.09 -16.80 -28.37
CA PRO B 322 -22.06 -18.15 -28.93
C PRO B 322 -22.20 -19.21 -27.83
N VAL B 323 -22.59 -20.40 -28.26
CA VAL B 323 -22.92 -21.50 -27.36
C VAL B 323 -21.97 -22.65 -27.60
N ILE B 324 -21.53 -23.30 -26.51
CA ILE B 324 -20.82 -24.56 -26.58
C ILE B 324 -21.81 -25.67 -26.26
N LYS B 325 -21.96 -26.62 -27.17
CA LYS B 325 -22.75 -27.83 -26.92
C LYS B 325 -21.81 -28.88 -26.35
N VAL B 326 -22.05 -29.25 -25.09
CA VAL B 326 -21.19 -30.23 -24.44
C VAL B 326 -21.44 -31.61 -25.04
N LYS B 327 -20.36 -32.29 -25.43
CA LYS B 327 -20.46 -33.67 -25.88
C LYS B 327 -20.01 -34.66 -24.81
N ALA B 328 -19.09 -34.27 -23.93
CA ALA B 328 -18.65 -35.14 -22.85
C ALA B 328 -17.98 -34.30 -21.77
N VAL B 329 -18.03 -34.81 -20.54
CA VAL B 329 -17.26 -34.27 -19.43
C VAL B 329 -16.35 -35.38 -18.92
N THR B 330 -15.11 -35.02 -18.64
CA THR B 330 -14.03 -35.96 -18.39
C THR B 330 -13.20 -35.43 -17.23
N MET B 331 -13.00 -36.23 -16.18
CA MET B 331 -12.36 -35.71 -14.98
C MET B 331 -11.63 -36.82 -14.22
N ARG B 332 -10.68 -36.39 -13.40
CA ARG B 332 -9.94 -37.27 -12.50
C ARG B 332 -10.86 -37.84 -11.42
N ASN B 333 -10.37 -38.89 -10.77
CA ASN B 333 -11.01 -39.38 -9.56
C ASN B 333 -10.88 -38.33 -8.45
N HIS B 334 -11.99 -38.04 -7.79
CA HIS B 334 -12.07 -36.95 -6.83
C HIS B 334 -11.58 -35.65 -7.45
N ALA B 335 -12.15 -35.32 -8.61
CA ALA B 335 -11.68 -34.18 -9.38
C ALA B 335 -11.85 -32.87 -8.61
N ILE B 336 -10.82 -32.03 -8.67
CA ILE B 336 -10.86 -30.68 -8.12
C ILE B 336 -11.42 -29.74 -9.17
N LEU B 337 -12.43 -28.96 -8.80
CA LEU B 337 -12.88 -27.87 -9.65
C LEU B 337 -12.13 -26.60 -9.27
N GLN B 338 -11.25 -26.14 -10.17
CA GLN B 338 -10.49 -24.92 -9.94
C GLN B 338 -11.17 -23.74 -10.63
N THR B 339 -11.34 -22.65 -9.89
CA THR B 339 -11.88 -21.40 -10.41
C THR B 339 -11.26 -20.26 -9.60
N LEU B 340 -11.83 -19.06 -9.74
CA LEU B 340 -11.31 -17.91 -9.03
C LEU B 340 -12.46 -17.09 -8.46
N VAL B 341 -12.10 -16.11 -7.62
CA VAL B 341 -13.03 -15.21 -6.97
C VAL B 341 -12.48 -13.79 -7.10
N GLY B 342 -13.31 -12.87 -7.56
CA GLY B 342 -12.93 -11.48 -7.52
C GLY B 342 -13.28 -10.68 -8.77
N PRO B 343 -12.50 -10.88 -9.85
CA PRO B 343 -11.38 -11.81 -10.02
C PRO B 343 -10.12 -11.44 -9.22
N GLY B 344 -10.08 -10.21 -8.72
CA GLY B 344 -9.11 -9.82 -7.70
C GLY B 344 -7.68 -10.09 -8.08
N GLU B 345 -6.89 -10.53 -7.09
CA GLU B 345 -5.45 -10.70 -7.28
C GLU B 345 -5.14 -11.85 -8.22
N GLU B 346 -6.03 -12.84 -8.31
CA GLU B 346 -5.81 -13.95 -9.25
C GLU B 346 -5.72 -13.44 -10.67
N HIS B 347 -6.59 -12.49 -11.05
CA HIS B 347 -6.50 -11.88 -12.37
C HIS B 347 -5.24 -11.02 -12.50
N THR B 348 -4.87 -10.32 -11.43
CA THR B 348 -3.64 -9.53 -11.45
C THR B 348 -2.45 -10.38 -11.85
N THR B 349 -2.33 -11.57 -11.27
CA THR B 349 -1.21 -12.46 -11.59
C THR B 349 -1.29 -12.95 -13.02
N LEU B 350 -2.46 -13.47 -13.42
CA LEU B 350 -2.60 -14.07 -14.75
C LEU B 350 -2.40 -13.03 -15.84
N ALA B 351 -3.00 -11.85 -15.69
CA ALA B 351 -2.84 -10.82 -16.70
C ALA B 351 -1.56 -10.01 -16.50
N GLY B 352 -1.14 -9.81 -15.25
CA GLY B 352 -0.08 -8.84 -14.98
C GLY B 352 1.30 -9.31 -15.37
N LEU B 353 1.61 -10.59 -15.15
CA LEU B 353 2.95 -11.06 -15.48
C LEU B 353 3.21 -11.12 -16.98
N PRO B 354 2.27 -11.50 -17.84
CA PRO B 354 2.45 -11.24 -19.29
C PRO B 354 2.60 -9.76 -19.60
N THR B 355 1.80 -8.90 -18.97
CA THR B 355 1.95 -7.46 -19.17
C THR B 355 3.37 -7.01 -18.84
N GLU B 356 3.88 -7.40 -17.68
CA GLU B 356 5.22 -7.00 -17.26
C GLU B 356 6.26 -7.56 -18.23
N ALA B 357 6.13 -8.83 -18.60
CA ALA B 357 7.10 -9.45 -19.50
C ALA B 357 7.14 -8.73 -20.85
N SER B 358 5.97 -8.34 -21.37
CA SER B 358 5.90 -7.64 -22.64
C SER B 358 6.59 -6.30 -22.58
N ILE B 359 6.28 -5.51 -21.54
CA ILE B 359 6.89 -4.20 -21.40
C ILE B 359 8.39 -4.32 -21.19
N ARG B 360 8.83 -5.24 -20.32
CA ARG B 360 10.26 -5.39 -20.04
CA ARG B 360 10.26 -5.38 -20.05
C ARG B 360 11.02 -5.77 -21.31
N ASN B 361 10.49 -6.74 -22.08
CA ASN B 361 11.13 -7.14 -23.32
C ASN B 361 11.25 -5.96 -24.28
N ALA B 362 10.19 -5.15 -24.37
CA ALA B 362 10.18 -4.06 -25.34
C ALA B 362 11.15 -2.95 -24.94
N VAL B 363 11.16 -2.56 -23.67
CA VAL B 363 12.07 -1.50 -23.23
C VAL B 363 13.52 -1.96 -23.29
N GLU B 364 13.77 -3.24 -22.96
CA GLU B 364 15.14 -3.75 -23.00
C GLU B 364 15.67 -3.79 -24.43
N GLU B 365 14.81 -4.07 -25.39
CA GLU B 365 15.21 -4.02 -26.80
C GLU B 365 15.53 -2.59 -27.22
N ALA B 366 14.71 -1.62 -26.80
CA ALA B 366 14.87 -0.24 -27.27
C ALA B 366 15.91 0.55 -26.47
N ILE B 367 16.02 0.32 -25.16
CA ILE B 367 16.97 1.04 -24.31
C ILE B 367 17.67 0.03 -23.39
N PRO B 368 18.68 -0.69 -23.86
CA PRO B 368 19.28 -1.76 -23.05
C PRO B 368 19.89 -1.24 -21.75
N GLY B 369 19.65 -1.98 -20.66
CA GLY B 369 20.20 -1.66 -19.37
C GLY B 369 19.47 -0.60 -18.56
N PHE B 370 18.47 0.07 -19.16
CA PHE B 370 17.86 1.23 -18.51
C PHE B 370 16.75 0.81 -17.52
N LEU B 371 15.79 0.04 -17.99
CA LEU B 371 14.69 -0.41 -17.16
C LEU B 371 15.20 -1.44 -16.15
N GLN B 372 14.93 -1.21 -14.87
CA GLN B 372 15.30 -2.17 -13.84
C GLN B 372 14.19 -3.19 -13.58
N ASN B 373 12.94 -2.72 -13.53
CA ASN B 373 11.83 -3.60 -13.24
C ASN B 373 10.53 -2.91 -13.65
N VAL B 374 9.46 -3.70 -13.74
CA VAL B 374 8.14 -3.20 -14.12
C VAL B 374 7.11 -3.98 -13.33
N TYR B 375 6.05 -3.30 -12.90
CA TYR B 375 4.97 -3.90 -12.12
C TYR B 375 3.64 -3.50 -12.74
N ALA B 376 2.89 -4.49 -13.22
CA ALA B 376 1.51 -4.27 -13.66
C ALA B 376 0.65 -4.27 -12.41
N HIS B 377 0.44 -3.07 -11.86
CA HIS B 377 -0.06 -2.93 -10.50
C HIS B 377 -1.42 -3.60 -10.31
N THR B 378 -1.60 -4.22 -9.14
CA THR B 378 -2.85 -4.90 -8.85
C THR B 378 -4.03 -3.93 -8.80
N ALA B 379 -3.77 -2.65 -8.50
CA ALA B 379 -4.82 -1.64 -8.53
C ALA B 379 -5.41 -1.46 -9.91
N GLY B 380 -4.69 -1.85 -10.96
CA GLY B 380 -5.20 -1.82 -12.31
C GLY B 380 -5.56 -3.20 -12.83
N GLY B 381 -5.64 -4.18 -11.94
CA GLY B 381 -5.98 -5.53 -12.35
C GLY B 381 -4.91 -6.20 -13.19
N GLY B 382 -3.68 -5.67 -13.15
CA GLY B 382 -2.62 -6.18 -13.99
C GLY B 382 -2.63 -5.66 -15.40
N LYS B 383 -3.44 -4.65 -15.70
CA LYS B 383 -3.57 -4.17 -17.08
C LYS B 383 -3.55 -2.64 -17.19
N PHE B 384 -4.16 -1.93 -16.25
CA PHE B 384 -4.39 -0.50 -16.43
C PHE B 384 -3.25 0.39 -15.93
N LEU B 385 -2.52 -0.04 -14.90
CA LEU B 385 -1.53 0.81 -14.25
C LEU B 385 -0.17 0.14 -14.30
N GLY B 386 0.80 0.80 -14.94
CA GLY B 386 2.14 0.28 -15.06
C GLY B 386 3.13 1.11 -14.27
N ILE B 387 3.86 0.46 -13.36
CA ILE B 387 4.92 1.08 -12.60
C ILE B 387 6.25 0.68 -13.23
N LEU B 388 7.01 1.66 -13.70
CA LEU B 388 8.30 1.41 -14.34
C LEU B 388 9.41 1.90 -13.42
N GLN B 389 10.36 1.02 -13.11
CA GLN B 389 11.52 1.37 -12.29
C GLN B 389 12.74 1.49 -13.19
N VAL B 390 13.24 2.72 -13.34
CA VAL B 390 14.37 2.98 -14.22
C VAL B 390 15.57 3.39 -13.37
N LYS B 391 16.74 3.33 -13.99
CA LYS B 391 17.98 3.77 -13.36
C LYS B 391 18.70 4.70 -14.32
N LYS B 392 18.74 6.00 -14.00
CA LYS B 392 19.52 6.95 -14.78
C LYS B 392 21.00 6.77 -14.45
N ARG B 393 21.78 6.35 -15.43
CA ARG B 393 23.19 6.04 -15.23
C ARG B 393 24.13 7.13 -15.71
N GLN B 394 23.64 8.11 -16.46
CA GLN B 394 24.48 9.08 -17.13
C GLN B 394 23.60 10.25 -17.54
N PRO B 395 24.21 11.41 -17.84
CA PRO B 395 23.38 12.57 -18.24
C PRO B 395 22.42 12.29 -19.39
N SER B 396 22.83 11.52 -20.40
CA SER B 396 21.95 11.24 -21.52
C SER B 396 20.73 10.39 -21.15
N ASP B 397 20.71 9.79 -19.96
CA ASP B 397 19.52 9.05 -19.54
C ASP B 397 18.37 9.97 -19.14
N GLU B 398 18.65 11.24 -18.85
CA GLU B 398 17.57 12.18 -18.60
C GLU B 398 16.78 12.38 -19.89
N GLY B 399 15.46 12.26 -19.80
CA GLY B 399 14.62 12.23 -20.99
C GLY B 399 14.29 10.83 -21.48
N ARG B 400 15.00 9.80 -21.02
CA ARG B 400 14.66 8.45 -21.42
C ARG B 400 13.57 7.83 -20.55
N GLN B 401 13.30 8.40 -19.36
CA GLN B 401 12.21 7.88 -18.55
C GLN B 401 10.87 8.05 -19.25
N GLY B 402 10.65 9.20 -19.90
CA GLY B 402 9.45 9.37 -20.69
C GLY B 402 9.42 8.44 -21.89
N GLN B 403 10.59 8.18 -22.48
CA GLN B 403 10.66 7.25 -23.60
C GLN B 403 10.24 5.85 -23.17
N ALA B 404 10.67 5.41 -21.99
CA ALA B 404 10.23 4.12 -21.47
C ALA B 404 8.72 4.09 -21.29
N ALA B 405 8.12 5.20 -20.83
CA ALA B 405 6.67 5.25 -20.66
C ALA B 405 5.96 5.13 -22.00
N LEU B 406 6.48 5.81 -23.03
CA LEU B 406 5.90 5.68 -24.36
C LEU B 406 6.00 4.24 -24.86
N ILE B 407 7.14 3.59 -24.65
CA ILE B 407 7.29 2.20 -25.06
C ILE B 407 6.27 1.31 -24.35
N ALA B 408 6.04 1.55 -23.07
CA ALA B 408 5.07 0.76 -22.34
C ALA B 408 3.67 0.96 -22.92
N LEU B 409 3.31 2.21 -23.20
CA LEU B 409 1.98 2.50 -23.75
C LEU B 409 1.84 1.96 -25.17
N ALA B 410 2.93 1.96 -25.95
CA ALA B 410 2.91 1.40 -27.29
C ALA B 410 2.82 -0.13 -27.28
N THR B 411 3.42 -0.77 -26.27
CA THR B 411 3.47 -2.22 -26.20
C THR B 411 2.16 -2.81 -25.70
N TYR B 412 1.52 -2.16 -24.72
CA TYR B 412 0.32 -2.67 -24.08
C TYR B 412 -0.74 -1.58 -24.17
N SER B 413 -1.55 -1.61 -25.23
CA SER B 413 -2.45 -0.50 -25.51
C SER B 413 -3.58 -0.36 -24.49
N GLU B 414 -3.82 -1.39 -23.67
CA GLU B 414 -4.87 -1.31 -22.67
C GLU B 414 -4.38 -0.70 -21.36
N LEU B 415 -3.11 -0.33 -21.27
CA LEU B 415 -2.64 0.50 -20.17
C LEU B 415 -3.39 1.83 -20.17
N LYS B 416 -3.54 2.40 -18.98
CA LYS B 416 -4.10 3.73 -18.83
C LYS B 416 -3.10 4.73 -18.28
N ASN B 417 -2.40 4.40 -17.20
CA ASN B 417 -1.47 5.33 -16.58
C ASN B 417 -0.11 4.67 -16.35
N ILE B 418 0.93 5.48 -16.36
CA ILE B 418 2.30 5.06 -16.09
C ILE B 418 2.84 5.91 -14.95
N ILE B 419 3.45 5.26 -13.97
CA ILE B 419 4.22 5.95 -12.94
C ILE B 419 5.68 5.52 -13.09
N LEU B 420 6.57 6.50 -13.22
CA LEU B 420 8.00 6.27 -13.36
C LEU B 420 8.70 6.57 -12.05
N VAL B 421 9.56 5.66 -11.58
CA VAL B 421 10.31 5.84 -10.34
C VAL B 421 11.74 5.33 -10.54
N ASP B 422 12.60 5.68 -9.60
CA ASP B 422 14.01 5.31 -9.62
C ASP B 422 14.23 3.97 -8.93
N GLU B 423 15.47 3.48 -8.99
CA GLU B 423 15.78 2.16 -8.46
C GLU B 423 15.81 2.11 -6.93
N ASP B 424 15.72 3.24 -6.25
CA ASP B 424 15.62 3.23 -4.79
C ASP B 424 14.18 3.28 -4.29
N VAL B 425 13.21 3.03 -5.16
CA VAL B 425 11.80 2.99 -4.79
C VAL B 425 11.28 1.58 -5.02
N ASP B 426 10.65 1.00 -4.01
CA ASP B 426 10.11 -0.35 -4.09
C ASP B 426 8.79 -0.29 -4.85
N ILE B 427 8.81 -0.68 -6.13
CA ILE B 427 7.62 -0.54 -6.98
C ILE B 427 6.50 -1.50 -6.60
N PHE B 428 6.76 -2.46 -5.72
CA PHE B 428 5.71 -3.36 -5.23
C PHE B 428 5.12 -2.90 -3.90
N ASP B 429 5.56 -1.76 -3.39
CA ASP B 429 5.08 -1.18 -2.14
C ASP B 429 4.31 0.09 -2.49
N SER B 430 2.99 0.04 -2.40
CA SER B 430 2.19 1.19 -2.83
C SER B 430 2.41 2.42 -1.95
N ASP B 431 2.83 2.24 -0.69
CA ASP B 431 3.24 3.40 0.11
C ASP B 431 4.47 4.06 -0.48
N ASP B 432 5.44 3.26 -0.94
CA ASP B 432 6.65 3.82 -1.51
C ASP B 432 6.38 4.46 -2.87
N ILE B 433 5.39 3.95 -3.60
CA ILE B 433 5.00 4.60 -4.84
C ILE B 433 4.40 5.97 -4.54
N LEU B 434 3.46 6.04 -3.59
CA LEU B 434 2.89 7.32 -3.22
C LEU B 434 3.96 8.26 -2.65
N TRP B 435 4.97 7.70 -1.99
CA TRP B 435 6.08 8.52 -1.50
C TRP B 435 6.79 9.21 -2.66
N ALA B 436 7.11 8.47 -3.72
CA ALA B 436 7.76 9.08 -4.86
C ALA B 436 6.86 10.15 -5.49
N MET B 437 5.54 9.89 -5.52
CA MET B 437 4.60 10.87 -6.05
C MET B 437 4.43 12.07 -5.14
N THR B 438 4.95 12.03 -3.91
CA THR B 438 4.80 13.14 -2.96
C THR B 438 6.05 14.00 -2.85
N THR B 439 7.24 13.39 -2.87
CA THR B 439 8.49 14.14 -2.72
C THR B 439 9.32 14.20 -4.00
N ARG B 440 8.92 13.50 -5.06
CA ARG B 440 9.70 13.47 -6.29
C ARG B 440 8.82 13.78 -7.50
N MET B 441 7.92 14.74 -7.33
CA MET B 441 7.03 15.18 -8.41
C MET B 441 6.54 16.59 -8.11
N GLN B 442 6.42 17.40 -9.15
CA GLN B 442 5.70 18.66 -9.09
C GLN B 442 4.57 18.60 -10.10
N GLY B 443 3.35 18.91 -9.64
CA GLY B 443 2.17 18.68 -10.47
C GLY B 443 2.21 19.39 -11.82
N ASP B 444 2.78 20.60 -11.86
CA ASP B 444 2.84 21.34 -13.11
C ASP B 444 4.10 21.06 -13.91
N VAL B 445 4.88 20.05 -13.54
CA VAL B 445 6.09 19.67 -14.25
C VAL B 445 6.06 18.21 -14.67
N SER B 446 5.67 17.32 -13.75
CA SER B 446 5.94 15.89 -13.86
C SER B 446 4.78 15.09 -14.46
N ILE B 447 3.68 15.75 -14.85
CA ILE B 447 2.46 15.06 -15.26
C ILE B 447 2.18 15.39 -16.72
N THR B 448 2.16 14.37 -17.58
CA THR B 448 1.86 14.53 -19.00
C THR B 448 0.59 13.75 -19.33
N THR B 449 -0.38 14.44 -19.93
CA THR B 449 -1.66 13.84 -20.29
C THR B 449 -1.75 13.64 -21.80
N LEU B 450 -2.24 12.48 -22.21
CA LEU B 450 -2.42 12.15 -23.62
C LEU B 450 -3.91 11.87 -23.87
N PRO B 451 -4.67 12.86 -24.31
CA PRO B 451 -6.11 12.66 -24.48
C PRO B 451 -6.46 11.82 -25.71
N GLY B 452 -7.60 11.15 -25.63
CA GLY B 452 -8.20 10.54 -26.81
C GLY B 452 -7.54 9.28 -27.34
N ILE B 453 -6.88 8.50 -26.48
CA ILE B 453 -6.23 7.26 -26.89
C ILE B 453 -7.11 6.09 -26.49
N ARG B 454 -7.30 5.13 -27.39
CA ARG B 454 -8.09 3.95 -27.05
C ARG B 454 -7.45 3.19 -25.89
N GLY B 455 -8.28 2.80 -24.93
CA GLY B 455 -7.81 2.07 -23.76
C GLY B 455 -8.52 0.74 -23.58
N HIS B 456 -9.62 0.73 -22.83
CA HIS B 456 -10.30 -0.51 -22.50
C HIS B 456 -11.75 -0.22 -22.14
N GLN B 457 -12.64 -1.07 -22.63
CA GLN B 457 -14.07 -0.85 -22.46
C GLN B 457 -14.50 -0.92 -20.99
N LEU B 458 -13.81 -1.72 -20.18
CA LEU B 458 -14.28 -2.00 -18.84
C LEU B 458 -13.83 -0.98 -17.80
N ASP B 459 -13.12 0.08 -18.23
CA ASP B 459 -12.88 1.21 -17.35
C ASP B 459 -14.10 2.12 -17.47
N PRO B 460 -14.95 2.22 -16.44
CA PRO B 460 -16.17 3.03 -16.59
C PRO B 460 -15.90 4.52 -16.70
N SER B 461 -14.71 5.00 -16.34
CA SER B 461 -14.40 6.41 -16.55
C SER B 461 -13.99 6.72 -17.98
N GLN B 462 -13.84 5.70 -18.84
CA GLN B 462 -13.52 5.93 -20.25
C GLN B 462 -14.83 6.08 -21.02
N SER B 463 -15.45 7.25 -20.84
CA SER B 463 -16.79 7.53 -21.36
C SER B 463 -16.92 9.01 -21.67
N PRO B 464 -17.60 9.37 -22.77
CA PRO B 464 -17.83 10.80 -23.05
C PRO B 464 -18.55 11.49 -21.91
N ASP B 465 -19.29 10.75 -21.07
CA ASP B 465 -19.94 11.32 -19.91
C ASP B 465 -18.95 11.74 -18.82
N TYR B 466 -17.71 11.24 -18.88
CA TYR B 466 -16.68 11.62 -17.92
C TYR B 466 -15.80 12.76 -18.41
N SER B 467 -15.68 12.93 -19.73
CA SER B 467 -14.74 13.90 -20.29
C SER B 467 -15.15 14.24 -21.71
N THR B 468 -15.11 15.52 -22.05
CA THR B 468 -15.40 15.97 -23.41
C THR B 468 -14.31 15.63 -24.39
N SER B 469 -13.11 15.23 -23.93
CA SER B 469 -12.09 14.80 -24.87
C SER B 469 -12.22 13.34 -25.25
N ILE B 470 -13.20 12.63 -24.70
CA ILE B 470 -13.42 11.21 -24.97
C ILE B 470 -14.56 11.09 -25.95
N ARG B 471 -14.28 10.56 -27.15
CA ARG B 471 -15.26 10.52 -28.22
C ARG B 471 -16.13 9.27 -28.20
N GLY B 472 -15.82 8.29 -27.36
CA GLY B 472 -16.58 7.04 -27.33
C GLY B 472 -16.08 6.15 -26.21
N ASN B 473 -16.89 5.13 -25.91
CA ASN B 473 -16.56 4.22 -24.83
C ASN B 473 -15.21 3.54 -25.07
N GLY B 474 -14.46 3.35 -24.00
CA GLY B 474 -13.16 2.69 -24.11
C GLY B 474 -12.05 3.55 -24.67
N ILE B 475 -12.27 4.86 -24.79
CA ILE B 475 -11.22 5.83 -25.11
C ILE B 475 -10.92 6.58 -23.83
N SER B 476 -9.64 6.95 -23.65
CA SER B 476 -9.20 7.52 -22.39
C SER B 476 -8.20 8.64 -22.62
N CYS B 477 -8.12 9.52 -21.64
CA CYS B 477 -6.88 10.25 -21.41
C CYS B 477 -5.92 9.32 -20.68
N LYS B 478 -4.69 9.25 -21.16
CA LYS B 478 -3.64 8.45 -20.54
C LYS B 478 -2.62 9.40 -19.93
N THR B 479 -2.17 9.07 -18.71
CA THR B 479 -1.37 10.00 -17.93
C THR B 479 -0.06 9.34 -17.52
N ILE B 480 1.03 10.07 -17.69
CA ILE B 480 2.37 9.65 -17.30
C ILE B 480 2.80 10.50 -16.11
N PHE B 481 3.03 9.85 -14.97
CA PHE B 481 3.52 10.52 -13.77
C PHE B 481 5.03 10.25 -13.68
N ASP B 482 5.83 11.26 -13.97
CA ASP B 482 7.29 11.13 -13.87
C ASP B 482 7.70 11.45 -12.45
N CYS B 483 7.93 10.40 -11.65
CA CYS B 483 8.39 10.56 -10.29
C CYS B 483 9.86 10.16 -10.15
N THR B 484 10.64 10.27 -11.23
CA THR B 484 12.08 10.07 -11.15
C THR B 484 12.77 11.40 -10.84
N VAL B 485 13.86 11.32 -10.09
CA VAL B 485 14.61 12.54 -9.77
C VAL B 485 15.25 13.07 -11.05
N PRO B 486 15.12 14.36 -11.36
CA PRO B 486 15.87 14.93 -12.47
C PRO B 486 17.35 14.63 -12.32
N TRP B 487 18.00 14.27 -13.45
CA TRP B 487 19.39 13.84 -13.41
C TRP B 487 20.27 14.81 -12.63
N ALA B 488 20.11 16.10 -12.89
CA ALA B 488 20.99 17.09 -12.28
C ALA B 488 20.82 17.21 -10.78
N LEU B 489 19.69 16.74 -10.23
CA LEU B 489 19.39 16.91 -8.81
C LEU B 489 19.62 15.65 -7.98
N LYS B 490 20.18 14.59 -8.57
CA LYS B 490 20.16 13.29 -7.90
C LYS B 490 20.92 13.29 -6.58
N ALA B 491 21.97 14.10 -6.45
CA ALA B 491 22.73 14.12 -5.21
C ALA B 491 21.92 14.67 -4.04
N ARG B 492 20.88 15.47 -4.31
CA ARG B 492 20.05 16.02 -3.24
C ARG B 492 18.91 15.08 -2.81
N PHE B 493 18.67 13.99 -3.52
CA PHE B 493 17.52 13.14 -3.25
C PHE B 493 17.92 11.75 -2.75
N GLU B 494 19.12 11.61 -2.19
CA GLU B 494 19.51 10.34 -1.62
C GLU B 494 18.70 10.06 -0.37
N ARG B 495 18.11 8.87 -0.31
CA ARG B 495 17.37 8.46 0.88
C ARG B 495 18.32 8.30 2.06
N ALA B 496 17.83 8.65 3.25
CA ALA B 496 18.68 8.70 4.43
C ALA B 496 19.27 7.31 4.72
N PRO B 497 20.59 7.18 4.77
CA PRO B 497 21.20 5.86 4.95
C PRO B 497 21.33 5.45 6.40
N PHE B 498 21.04 4.19 6.68
CA PHE B 498 21.19 3.65 8.02
C PHE B 498 22.31 2.62 8.02
N MET B 499 22.96 2.49 9.17
CA MET B 499 24.02 1.51 9.31
C MET B 499 23.50 0.12 8.99
N GLU B 500 24.25 -0.61 8.17
CA GLU B 500 23.83 -1.94 7.74
C GLU B 500 24.15 -2.95 8.83
N VAL B 501 23.11 -3.53 9.42
CA VAL B 501 23.25 -4.46 10.53
C VAL B 501 22.46 -5.73 10.22
N ASP B 502 22.74 -6.78 10.99
CA ASP B 502 21.92 -7.98 10.99
C ASP B 502 21.02 -7.92 12.21
N PRO B 503 19.72 -7.68 12.05
CA PRO B 503 18.85 -7.48 13.22
C PRO B 503 18.51 -8.74 13.97
N THR B 504 18.89 -9.92 13.47
CA THR B 504 18.47 -11.20 14.05
C THR B 504 18.82 -11.36 15.53
N PRO B 505 20.03 -11.05 16.00
CA PRO B 505 20.33 -11.31 17.42
C PRO B 505 19.44 -10.54 18.38
N TRP B 506 18.99 -9.35 18.00
CA TRP B 506 18.15 -8.54 18.88
C TRP B 506 16.69 -8.95 18.86
N ALA B 507 16.26 -9.70 17.83
CA ALA B 507 14.90 -10.23 17.76
C ALA B 507 14.93 -11.55 17.02
N PRO B 508 15.41 -12.61 17.66
CA PRO B 508 15.56 -13.90 16.95
C PRO B 508 14.25 -14.46 16.44
N GLU B 509 13.20 -14.43 17.25
CA GLU B 509 11.93 -15.02 16.85
C GLU B 509 11.35 -14.33 15.62
N LEU B 510 11.68 -13.05 15.41
CA LEU B 510 11.20 -12.33 14.25
C LEU B 510 11.93 -12.69 12.96
N PHE B 511 12.90 -13.61 13.03
CA PHE B 511 13.73 -13.97 11.88
C PHE B 511 14.41 -12.74 11.27
MN MN C . 1.83 25.68 19.92
NA NA D . 3.93 23.36 20.63
C1 GOL E . -23.21 -1.91 -12.44
O1 GOL E . -24.48 -1.39 -12.30
C2 GOL E . -22.24 -0.72 -12.28
O2 GOL E . -22.53 0.05 -11.16
C3 GOL E . -20.82 -1.36 -12.20
O3 GOL E . -20.85 -2.29 -11.15
C1 GOL F . -18.95 5.68 -4.96
O1 GOL F . -19.16 6.97 -5.45
C2 GOL F . -20.27 4.88 -5.15
O2 GOL F . -21.38 5.55 -4.66
C3 GOL F . -20.38 4.60 -6.67
O3 GOL F . -21.53 3.84 -6.85
C1 GOL G . 2.17 27.68 13.74
O1 GOL G . 1.78 26.81 14.76
C2 GOL G . 3.52 27.16 13.20
O2 GOL G . 4.03 27.98 12.21
C3 GOL G . 4.44 27.11 14.43
O3 GOL G . 5.05 25.88 14.43
C1 GOL H . 19.47 14.24 1.24
O1 GOL H . 19.22 13.12 2.02
C2 GOL H . 20.87 14.04 0.60
O2 GOL H . 20.82 14.01 -0.78
C3 GOL H . 21.71 15.21 1.14
O3 GOL H . 23.04 14.85 0.95
C1 GOL I . 6.31 28.99 -15.22
O1 GOL I . 7.45 28.52 -15.85
C2 GOL I . 6.73 30.29 -14.54
O2 GOL I . 7.07 31.29 -15.45
C3 GOL I . 5.52 30.68 -13.69
O3 GOL I . 6.04 31.34 -12.58
C9 4LU J . 8.02 17.25 15.23
C8 4LU J . 8.18 15.92 15.47
C7 4LU J . 9.43 15.37 15.53
C10 4LU J . 10.04 20.19 14.93
C6 4LU J . 10.54 16.14 15.34
N3 4LU J . 12.18 21.80 15.10
C2 4LU J . 10.99 22.29 14.98
C13 4LU J . 12.58 15.49 16.74
C5 4LU J . 11.95 15.61 15.37
C1 4LU J . 12.37 17.84 14.31
O2 4LU J . 10.87 23.47 14.93
N1 4LU J . 9.93 21.52 14.89
C4 4LU J . 12.35 20.49 15.12
O4 4LU J . 13.45 20.13 15.23
C4A 4LU J . 11.27 19.63 15.05
N5 4LU J . 11.40 18.31 14.96
C3 4LU J . 12.91 16.50 14.59
C12 4LU J . 12.08 14.27 14.69
C5A 4LU J . 10.36 17.48 15.09
C7M 4LU J . 9.48 13.90 15.80
C8M 4LU J . 6.96 15.09 15.65
C9A 4LU J . 9.11 18.04 15.04
N10 4LU J . 8.98 19.38 14.78
C1' 4LU J . 7.72 19.93 14.36
C2' 4LU J . 6.97 20.52 15.55
O2' 4LU J . 7.07 19.61 16.59
C3' 4LU J . 5.52 20.64 15.14
O3' 4LU J . 5.45 21.35 13.94
C4' 4LU J . 4.69 21.36 16.19
O4' 4LU J . 3.34 21.17 15.87
C5' 4LU J . 4.96 22.85 16.27
O5' 4LU J . 4.25 23.37 17.36
P 4LU J . 4.18 24.85 17.76
O2P 4LU J . 3.72 24.94 19.11
O3P 4LU J . 5.57 25.53 17.72
O1P 4LU J . 3.17 25.58 16.86
MN MN K . -3.25 -15.73 -28.61
NA NA L . -4.87 -17.20 -26.28
C1 GOL M . 18.55 9.98 -6.00
O1 GOL M . 19.77 9.81 -5.33
C2 GOL M . 18.18 8.62 -6.65
O2 GOL M . 17.23 8.76 -7.66
C3 GOL M . 19.53 8.03 -7.16
O3 GOL M . 19.22 6.92 -7.96
C9 4LU N . -8.69 -13.23 -18.85
C8 4LU N . -8.57 -13.71 -17.58
C7 4LU N . -9.70 -14.00 -16.84
C10 4LU N . -11.21 -12.52 -21.25
C6 4LU N . -10.96 -13.83 -17.37
N3 4LU N . -13.48 -12.96 -22.61
C2 4LU N . -12.40 -12.52 -23.22
C13 4LU N . -12.74 -15.53 -16.93
C5 4LU N . -12.25 -14.11 -16.66
C1 4LU N . -13.21 -12.83 -18.57
O2 4LU N . -12.43 -12.32 -24.38
N1 4LU N . -11.28 -12.30 -22.57
C4 4LU N . -13.47 -13.20 -21.32
O4 4LU N . -14.47 -13.60 -20.83
C4A 4LU N . -12.31 -13.00 -20.58
N5 4LU N . -12.26 -13.29 -19.27
C3 4LU N . -13.35 -13.17 -17.14
C12 4LU N . -12.23 -13.90 -15.15
C5A 4LU N . -11.05 -13.35 -18.66
C7M 4LU N . -9.46 -14.53 -15.45
C8M 4LU N . -7.19 -13.89 -17.05
C9A 4LU N . -9.92 -13.05 -19.39
N10 4LU N . -10.01 -12.53 -20.65
C1' 4LU N . -8.88 -11.85 -21.26
C2' 4LU N . -8.13 -12.77 -22.21
O2' 4LU N . -8.10 -14.05 -21.64
C3' 4LU N . -6.69 -12.29 -22.36
O3' 4LU N . -6.70 -10.95 -22.79
C4' 4LU N . -5.92 -13.15 -23.35
O4' 4LU N . -4.57 -12.70 -23.37
C5' 4LU N . -6.45 -13.09 -24.78
O5' 4LU N . -5.77 -14.05 -25.55
P 4LU N . -5.76 -14.12 -27.12
O2P 4LU N . -5.07 -15.31 -27.62
O3P 4LU N . -7.24 -14.11 -27.59
O1P 4LU N . -5.06 -12.88 -27.72
#